data_6S2B
#
_entry.id   6S2B
#
_cell.length_a   60.483
_cell.length_b   92.540
_cell.length_c   116.108
_cell.angle_alpha   90.00
_cell.angle_beta   104.71
_cell.angle_gamma   90.00
#
_symmetry.space_group_name_H-M   'P 1 21 1'
#
loop_
_entity.id
_entity.type
_entity.pdbx_description
1 polymer Fructofuranosidase
2 branched beta-D-mannopyranose-(1-4)-2-acetamido-2-deoxy-beta-D-glucopyranose-(1-4)-2-acetamido-2-deoxy-beta-D-glucopyranose
3 branched 2-acetamido-2-deoxy-beta-D-glucopyranose-(1-4)-2-acetamido-2-deoxy-beta-D-glucopyranose
4 non-polymer 2-acetamido-2-deoxy-beta-D-glucopyranose
5 non-polymer (2~{S},3~{R})-4-[(2~{R},3~{S},4~{S},5~{R})-2,5-bis(hydroxymethyl)-3,4-bis(oxidanyl)oxolan-2-yl]oxybutane-1,2,3-triol
6 non-polymer 1,2-ETHANEDIOL
7 non-polymer 'ZINC ION'
8 water water
#
_entity_poly.entity_id   1
_entity_poly.type   'polypeptide(L)'
_entity_poly.pdbx_seq_one_letter_code
;MVQVLSVLVIPLLTLFFGYVASSSIDLSVDTSEYNRPLIHFTPEKGWMNAPNGLFYDKTAKLWHLYFQYNPNATAWGQPL
YWGHATSNDLVHWDEHEIAIGPEHDNEGIFSGSIVVDHNNTSGFFNSSIDPNQRIVAIYTNNIPDNQTQDIAFSLDGGYT
FTKYENNPVIDVSSNQFRDPKVFWHEDSNQWIMVVSKSQEYKIQIFGSANLKNWVLNSNFSSGYYGNQYECPGLIEVPIE
NSDKSKWVMFLAINPGSPLGGSINQYFVGDFDGFQFVPDDSQTRFVDIGKDFYAFQTFSEVEHGVLGLAWASNWQYADQV
PTNPWRSSTSLARNYTLRYVHTNAETKQLTLIQNPVLPDSINVVDKLKKKNVKLTNKKPIKTNFKGSTGLFDFNITFKVL
NLNVSPGKTHFDILINSQELNSSVDSIKIGFDSSQSSFYIDRHIPNVEFPRKQFFTDKLAAYLEPLDYDQDLRVFSLYGI
VDKNIIELYFNDGTVAMTNTFFMGEGKYPHDIQIVTDTEEPLFELESVIIRELNK
;
_entity_poly.pdbx_strand_id   A,B
#
loop_
_chem_comp.id
_chem_comp.type
_chem_comp.name
_chem_comp.formula
BMA D-saccharide, beta linking beta-D-mannopyranose 'C6 H12 O6'
EDO non-polymer 1,2-ETHANEDIOL 'C2 H6 O2'
KTE non-polymer (2~{S},3~{R})-4-[(2~{R},3~{S},4~{S},5~{R})-2,5-bis(hydroxymethyl)-3,4-bis(oxidanyl)oxolan-2-yl]oxybutane-1,2,3-triol 'C10 H20 O9'
NAG D-saccharide, beta linking 2-acetamido-2-deoxy-beta-D-glucopyranose 'C8 H15 N O6'
ZN non-polymer 'ZINC ION' 'Zn 2'
#
# COMPACT_ATOMS: atom_id res chain seq x y z
N SER A 24 -1.58 -8.98 -35.52
CA SER A 24 -2.96 -9.28 -34.97
C SER A 24 -3.68 -8.02 -34.45
N ILE A 25 -3.20 -6.80 -34.74
CA ILE A 25 -3.83 -5.52 -34.30
C ILE A 25 -4.95 -5.15 -35.29
N ASP A 26 -6.12 -4.77 -34.77
CA ASP A 26 -7.31 -4.31 -35.52
C ASP A 26 -7.18 -2.80 -35.80
N LEU A 27 -6.67 -2.42 -36.97
CA LEU A 27 -6.46 -0.99 -37.34
C LEU A 27 -7.79 -0.30 -37.70
N SER A 28 -8.93 -1.00 -37.65
CA SER A 28 -10.29 -0.47 -37.95
C SER A 28 -10.81 0.40 -36.78
N VAL A 29 -10.35 0.14 -35.55
CA VAL A 29 -10.75 0.92 -34.34
C VAL A 29 -9.56 1.74 -33.87
N ASP A 30 -9.69 3.07 -33.86
CA ASP A 30 -8.63 3.99 -33.38
C ASP A 30 -9.23 4.91 -32.33
N THR A 31 -8.77 4.78 -31.08
CA THR A 31 -9.27 5.57 -29.92
C THR A 31 -8.45 6.87 -29.75
N SER A 32 -7.44 7.12 -30.60
CA SER A 32 -6.42 8.19 -30.42
C SER A 32 -7.08 9.54 -30.14
N GLU A 33 -8.13 9.87 -30.90
CA GLU A 33 -8.77 11.21 -30.90
C GLU A 33 -9.20 11.55 -29.46
N TYR A 34 -9.64 10.57 -28.67
CA TYR A 34 -10.12 10.86 -27.30
C TYR A 34 -9.20 10.31 -26.20
N ASN A 35 -8.30 9.34 -26.43
CA ASN A 35 -7.54 8.85 -25.26
C ASN A 35 -6.05 8.57 -25.57
N ARG A 36 -5.49 9.10 -26.66
CA ARG A 36 -4.02 9.01 -26.86
C ARG A 36 -3.38 10.29 -26.32
N PRO A 37 -2.49 10.17 -25.32
CA PRO A 37 -1.77 11.33 -24.79
C PRO A 37 -1.04 12.12 -25.87
N LEU A 38 -0.98 13.44 -25.70
CA LEU A 38 -0.24 14.37 -26.58
C LEU A 38 1.25 14.40 -26.24
N ILE A 39 1.65 14.45 -24.96
CA ILE A 39 3.08 14.73 -24.59
C ILE A 39 3.69 13.62 -23.73
N HIS A 40 2.97 12.53 -23.55
CA HIS A 40 3.52 11.25 -23.02
C HIS A 40 3.77 10.34 -24.20
N PHE A 41 4.99 9.80 -24.31
CA PHE A 41 5.33 8.93 -25.44
C PHE A 41 4.38 7.71 -25.48
N THR A 42 3.82 7.45 -26.66
CA THR A 42 3.13 6.18 -27.00
C THR A 42 3.63 5.70 -28.35
N PRO A 43 3.80 4.37 -28.55
CA PRO A 43 4.10 3.84 -29.86
C PRO A 43 2.87 4.06 -30.74
N GLU A 44 3.08 4.31 -32.03
CA GLU A 44 1.95 4.49 -32.98
C GLU A 44 1.05 3.25 -32.92
N LYS A 45 1.65 2.07 -32.89
CA LYS A 45 0.86 0.81 -32.82
C LYS A 45 1.59 -0.21 -31.95
N GLY A 46 0.82 -1.11 -31.36
CA GLY A 46 1.34 -2.27 -30.64
C GLY A 46 1.50 -1.99 -29.15
N TRP A 47 2.32 -2.80 -28.51
CA TRP A 47 2.41 -2.90 -27.04
C TRP A 47 3.75 -2.32 -26.59
N MET A 48 3.71 -1.46 -25.58
CA MET A 48 4.93 -0.95 -24.91
C MET A 48 4.87 -1.32 -23.42
N ASN A 49 5.99 -1.75 -22.82
CA ASN A 49 6.13 -1.78 -21.34
C ASN A 49 7.40 -1.02 -20.97
N ALA A 50 8.28 -1.59 -20.15
CA ALA A 50 9.37 -0.87 -19.45
C ALA A 50 10.17 0.02 -20.41
N PRO A 51 10.52 1.26 -20.00
CA PRO A 51 11.47 2.08 -20.73
C PRO A 51 12.87 1.50 -20.56
N ASN A 52 13.69 1.64 -21.58
CA ASN A 52 15.03 1.02 -21.65
C ASN A 52 16.02 2.02 -22.26
N GLY A 53 17.31 1.80 -22.00
CA GLY A 53 18.41 2.44 -22.73
C GLY A 53 18.34 3.96 -22.69
N LEU A 54 17.79 4.54 -21.62
CA LEU A 54 17.59 6.02 -21.56
C LEU A 54 18.95 6.71 -21.57
N PHE A 55 19.19 7.64 -22.50
CA PHE A 55 20.45 8.41 -22.51
C PHE A 55 20.28 9.69 -23.31
N TYR A 56 21.20 10.62 -23.03
CA TYR A 56 21.35 11.90 -23.73
C TYR A 56 22.60 11.83 -24.63
N ASP A 57 22.42 12.15 -25.92
CA ASP A 57 23.53 12.33 -26.88
C ASP A 57 23.95 13.80 -26.83
N LYS A 58 25.10 14.09 -26.20
CA LYS A 58 25.58 15.48 -26.02
C LYS A 58 26.02 16.09 -27.36
N THR A 59 26.44 15.28 -28.32
CA THR A 59 26.89 15.75 -29.66
C THR A 59 25.66 16.08 -30.52
N ALA A 60 24.69 15.18 -30.62
CA ALA A 60 23.46 15.40 -31.42
C ALA A 60 22.44 16.26 -30.66
N LYS A 61 22.63 16.47 -29.36
CA LYS A 61 21.71 17.22 -28.46
C LYS A 61 20.32 16.56 -28.49
N LEU A 62 20.29 15.24 -28.27
CA LEU A 62 19.08 14.43 -28.43
C LEU A 62 18.89 13.49 -27.23
N TRP A 63 17.67 13.47 -26.69
CA TRP A 63 17.22 12.46 -25.69
C TRP A 63 16.78 11.19 -26.41
N HIS A 64 17.21 10.03 -25.94
CA HIS A 64 16.82 8.72 -26.50
C HIS A 64 15.98 7.96 -25.49
N LEU A 65 14.86 7.45 -25.95
CA LEU A 65 13.95 6.54 -25.20
C LEU A 65 13.92 5.22 -25.98
N TYR A 66 14.27 4.11 -25.34
CA TYR A 66 13.98 2.78 -25.90
C TYR A 66 12.91 2.16 -24.99
N PHE A 67 12.30 1.07 -25.43
CA PHE A 67 11.18 0.46 -24.66
C PHE A 67 10.95 -0.97 -25.12
N GLN A 68 10.51 -1.78 -24.17
CA GLN A 68 9.97 -3.15 -24.41
C GLN A 68 8.79 -2.98 -25.37
N TYR A 69 8.87 -3.65 -26.53
CA TYR A 69 7.98 -3.37 -27.68
C TYR A 69 7.58 -4.69 -28.33
N ASN A 70 6.27 -4.91 -28.41
CA ASN A 70 5.66 -5.97 -29.25
C ASN A 70 4.84 -5.26 -30.31
N PRO A 71 5.36 -5.16 -31.55
CA PRO A 71 4.65 -4.49 -32.63
C PRO A 71 3.45 -5.27 -33.20
N ASN A 72 3.28 -6.55 -32.81
CA ASN A 72 2.39 -7.51 -33.49
C ASN A 72 1.06 -7.64 -32.73
N ALA A 73 0.94 -7.00 -31.57
CA ALA A 73 -0.28 -7.05 -30.72
C ALA A 73 -0.27 -5.90 -29.73
N THR A 74 -1.44 -5.62 -29.13
CA THR A 74 -1.58 -4.66 -28.01
C THR A 74 -1.56 -5.43 -26.69
N ALA A 75 -0.68 -6.43 -26.61
CA ALA A 75 -0.40 -7.21 -25.38
C ALA A 75 1.05 -7.65 -25.46
N TRP A 76 1.61 -8.03 -24.32
CA TRP A 76 3.01 -8.51 -24.23
C TRP A 76 3.09 -9.82 -25.03
N GLY A 77 4.18 -10.01 -25.76
CA GLY A 77 4.45 -11.27 -26.47
C GLY A 77 5.84 -11.25 -27.07
N GLN A 78 6.35 -12.43 -27.41
CA GLN A 78 7.61 -12.60 -28.14
C GLN A 78 7.29 -12.92 -29.59
N PRO A 79 8.12 -12.49 -30.57
CA PRO A 79 9.38 -11.82 -30.27
C PRO A 79 9.18 -10.41 -29.67
N LEU A 80 10.02 -10.07 -28.70
CA LEU A 80 9.99 -8.76 -28.02
C LEU A 80 11.27 -7.99 -28.36
N TYR A 81 11.10 -6.70 -28.65
CA TYR A 81 12.11 -5.80 -29.24
C TYR A 81 12.36 -4.62 -28.29
N TRP A 82 13.46 -3.92 -28.52
CA TRP A 82 13.64 -2.50 -28.12
C TRP A 82 13.09 -1.61 -29.22
N GLY A 83 11.93 -0.99 -28.99
CA GLY A 83 11.52 0.17 -29.78
C GLY A 83 12.39 1.37 -29.44
N HIS A 84 12.28 2.43 -30.22
CA HIS A 84 13.16 3.61 -30.09
C HIS A 84 12.42 4.91 -30.47
N ALA A 85 12.62 5.96 -29.68
CA ALA A 85 12.13 7.32 -29.98
C ALA A 85 13.16 8.34 -29.49
N THR A 86 13.17 9.52 -30.10
CA THR A 86 14.07 10.62 -29.68
C THR A 86 13.25 11.90 -29.51
N SER A 87 13.83 12.81 -28.74
CA SER A 87 13.24 14.13 -28.44
C SER A 87 14.36 15.14 -28.19
N ASN A 88 14.16 16.38 -28.61
CA ASN A 88 15.09 17.47 -28.24
C ASN A 88 14.69 18.06 -26.87
N ASP A 89 13.50 17.77 -26.34
CA ASP A 89 12.94 18.54 -25.20
C ASP A 89 12.18 17.67 -24.17
N LEU A 90 12.10 16.36 -24.36
CA LEU A 90 11.44 15.36 -23.47
C LEU A 90 9.91 15.48 -23.48
N VAL A 91 9.31 16.16 -24.47
CA VAL A 91 7.82 16.17 -24.64
C VAL A 91 7.41 15.90 -26.10
N HIS A 92 8.17 16.38 -27.09
CA HIS A 92 7.92 16.09 -28.53
C HIS A 92 8.78 14.89 -28.93
N TRP A 93 8.17 13.74 -29.17
CA TRP A 93 8.87 12.47 -29.48
C TRP A 93 8.72 12.14 -30.96
N ASP A 94 9.82 11.68 -31.57
CA ASP A 94 9.86 11.09 -32.93
C ASP A 94 10.11 9.58 -32.78
N GLU A 95 9.18 8.75 -33.22
CA GLU A 95 9.34 7.27 -33.17
C GLU A 95 10.22 6.81 -34.34
N HIS A 96 11.16 5.92 -34.06
CA HIS A 96 12.15 5.40 -35.03
C HIS A 96 11.90 3.92 -35.30
N GLU A 97 12.71 3.36 -36.19
CA GLU A 97 12.73 1.90 -36.45
C GLU A 97 13.12 1.20 -35.15
N ILE A 98 12.69 -0.05 -34.99
CA ILE A 98 13.13 -0.96 -33.90
C ILE A 98 14.65 -0.95 -33.88
N ALA A 99 15.24 -0.85 -32.69
CA ALA A 99 16.69 -0.71 -32.48
C ALA A 99 17.34 -2.08 -32.28
N ILE A 100 16.74 -2.96 -31.48
CA ILE A 100 17.34 -4.29 -31.17
C ILE A 100 16.23 -5.33 -31.22
N GLY A 101 16.51 -6.46 -31.84
CA GLY A 101 15.54 -7.56 -31.93
C GLY A 101 16.19 -8.88 -31.54
N PRO A 102 15.37 -9.89 -31.19
CA PRO A 102 15.87 -11.21 -30.80
C PRO A 102 16.30 -12.05 -32.01
N GLU A 103 17.10 -13.09 -31.74
CA GLU A 103 17.60 -14.04 -32.77
C GLU A 103 16.43 -14.92 -33.27
N HIS A 104 15.51 -15.30 -32.39
CA HIS A 104 14.37 -16.19 -32.73
C HIS A 104 13.05 -15.63 -32.18
N ASP A 105 11.93 -16.17 -32.69
CA ASP A 105 10.55 -15.69 -32.40
C ASP A 105 10.14 -16.02 -30.96
N ASN A 106 10.74 -17.01 -30.32
CA ASN A 106 10.41 -17.42 -28.93
C ASN A 106 11.47 -16.83 -27.98
N GLU A 107 12.05 -15.69 -28.36
CA GLU A 107 13.08 -14.98 -27.56
C GLU A 107 12.70 -13.50 -27.49
N GLY A 108 13.38 -12.76 -26.62
CA GLY A 108 13.08 -11.34 -26.40
C GLY A 108 14.30 -10.59 -25.93
N ILE A 109 14.44 -9.36 -26.40
CA ILE A 109 15.39 -8.38 -25.84
C ILE A 109 14.64 -7.71 -24.69
N PHE A 110 14.90 -8.20 -23.46
CA PHE A 110 14.27 -7.70 -22.22
C PHE A 110 14.96 -6.40 -21.83
N SER A 111 14.64 -5.88 -20.65
CA SER A 111 15.04 -4.53 -20.23
C SER A 111 16.56 -4.42 -20.12
N GLY A 112 17.02 -3.18 -20.14
CA GLY A 112 18.43 -2.84 -20.01
C GLY A 112 18.62 -1.36 -20.15
N SER A 113 19.87 -0.96 -20.30
CA SER A 113 20.33 0.42 -20.16
C SER A 113 21.37 0.68 -21.24
N ILE A 114 21.72 1.94 -21.41
CA ILE A 114 22.80 2.38 -22.32
C ILE A 114 23.79 3.18 -21.51
N VAL A 115 25.07 3.02 -21.84
CA VAL A 115 26.16 3.91 -21.37
C VAL A 115 26.88 4.43 -22.61
N VAL A 116 27.57 5.54 -22.44
CA VAL A 116 28.50 6.12 -23.43
C VAL A 116 29.93 5.81 -22.96
N ASP A 117 30.62 5.00 -23.74
CA ASP A 117 31.99 4.50 -23.45
C ASP A 117 32.99 5.51 -24.03
N HIS A 118 33.03 6.73 -23.49
CA HIS A 118 33.82 7.86 -24.02
C HIS A 118 35.25 7.43 -24.33
N ASN A 119 35.86 6.62 -23.45
CA ASN A 119 37.31 6.30 -23.47
C ASN A 119 37.53 4.95 -24.14
N ASN A 120 36.49 4.37 -24.76
CA ASN A 120 36.60 3.13 -25.58
C ASN A 120 37.21 2.01 -24.74
N THR A 121 36.74 1.83 -23.50
CA THR A 121 37.14 0.69 -22.62
C THR A 121 36.72 -0.63 -23.28
N SER A 122 35.66 -0.62 -24.08
CA SER A 122 35.07 -1.82 -24.74
C SER A 122 35.90 -2.24 -25.97
N GLY A 123 36.63 -1.30 -26.59
CA GLY A 123 37.37 -1.52 -27.84
C GLY A 123 36.48 -1.48 -29.08
N PHE A 124 35.19 -1.13 -28.97
CA PHE A 124 34.24 -1.17 -30.10
C PHE A 124 34.37 0.08 -30.99
N PHE A 125 35.02 1.14 -30.51
CA PHE A 125 34.88 2.50 -31.08
C PHE A 125 36.25 3.09 -31.48
N ASN A 126 36.37 3.50 -32.72
CA ASN A 126 37.62 4.12 -33.23
C ASN A 126 37.42 5.63 -33.35
N SER A 127 38.41 6.34 -33.90
CA SER A 127 38.47 7.83 -33.92
C SER A 127 37.35 8.43 -34.78
N SER A 128 36.67 7.62 -35.59
CA SER A 128 35.52 8.09 -36.41
C SER A 128 34.24 8.19 -35.58
N ILE A 129 34.21 7.64 -34.36
CA ILE A 129 32.98 7.72 -33.49
C ILE A 129 33.25 8.78 -32.42
N ASP A 130 32.49 9.88 -32.44
CA ASP A 130 32.56 10.96 -31.43
C ASP A 130 32.44 10.31 -30.05
N PRO A 131 33.32 10.66 -29.09
CA PRO A 131 33.25 10.10 -27.74
C PRO A 131 31.85 10.10 -27.11
N ASN A 132 31.09 11.17 -27.30
CA ASN A 132 29.72 11.32 -26.73
C ASN A 132 28.73 10.36 -27.41
N GLN A 133 29.13 9.68 -28.49
CA GLN A 133 28.24 8.79 -29.28
C GLN A 133 28.76 7.35 -29.23
N ARG A 134 29.66 7.04 -28.30
CA ARG A 134 30.16 5.65 -28.14
C ARG A 134 29.17 4.84 -27.32
N ILE A 135 28.08 4.45 -27.98
CA ILE A 135 26.82 3.95 -27.34
C ILE A 135 26.87 2.44 -27.20
N VAL A 136 26.76 1.94 -25.97
CA VAL A 136 26.68 0.49 -25.66
C VAL A 136 25.36 0.22 -24.90
N ALA A 137 24.57 -0.72 -25.40
CA ALA A 137 23.35 -1.23 -24.76
C ALA A 137 23.73 -2.48 -23.97
N ILE A 138 23.29 -2.54 -22.72
CA ILE A 138 23.42 -3.75 -21.86
C ILE A 138 22.01 -4.18 -21.51
N TYR A 139 21.64 -5.41 -21.84
CA TYR A 139 20.24 -5.85 -21.81
C TYR A 139 20.20 -7.32 -21.44
N THR A 140 19.04 -7.76 -20.96
CA THR A 140 18.73 -9.16 -20.71
C THR A 140 18.26 -9.80 -22.01
N ASN A 141 18.91 -10.90 -22.39
CA ASN A 141 18.46 -11.75 -23.51
C ASN A 141 17.60 -12.86 -22.89
N ASN A 142 16.33 -12.89 -23.22
CA ASN A 142 15.38 -13.91 -22.73
C ASN A 142 15.24 -14.99 -23.80
N ILE A 143 15.63 -16.22 -23.48
CA ILE A 143 15.36 -17.43 -24.33
C ILE A 143 14.66 -18.43 -23.43
N PRO A 144 14.06 -19.51 -23.98
CA PRO A 144 13.45 -20.55 -23.15
C PRO A 144 14.42 -21.00 -22.04
N ASP A 145 14.01 -20.88 -20.79
CA ASP A 145 14.72 -21.41 -19.59
C ASP A 145 16.05 -20.70 -19.33
N ASN A 146 16.31 -19.53 -19.92
CA ASN A 146 17.59 -18.81 -19.69
C ASN A 146 17.41 -17.30 -19.84
N GLN A 147 17.86 -16.54 -18.84
CA GLN A 147 18.04 -15.07 -18.92
C GLN A 147 19.51 -14.77 -18.67
N THR A 148 20.15 -14.05 -19.59
CA THR A 148 21.58 -13.66 -19.53
C THR A 148 21.67 -12.16 -19.76
N GLN A 149 22.79 -11.55 -19.34
CA GLN A 149 23.11 -10.14 -19.63
C GLN A 149 24.03 -10.13 -20.87
N ASP A 150 23.65 -9.34 -21.86
CA ASP A 150 24.28 -9.26 -23.20
C ASP A 150 24.57 -7.80 -23.51
N ILE A 151 25.50 -7.53 -24.43
CA ILE A 151 25.77 -6.13 -24.84
C ILE A 151 25.72 -6.03 -26.36
N ALA A 152 25.51 -4.80 -26.84
CA ALA A 152 25.45 -4.44 -28.27
C ALA A 152 25.95 -3.01 -28.39
N PHE A 153 26.56 -2.65 -29.50
CA PHE A 153 27.12 -1.28 -29.68
C PHE A 153 26.49 -0.66 -30.92
N SER A 154 26.37 0.66 -30.91
CA SER A 154 25.83 1.45 -32.04
C SER A 154 26.93 2.35 -32.57
N LEU A 155 27.10 2.36 -33.90
CA LEU A 155 28.07 3.23 -34.60
C LEU A 155 27.32 4.35 -35.32
N ASP A 156 26.01 4.51 -35.11
CA ASP A 156 25.22 5.49 -35.90
C ASP A 156 24.39 6.35 -34.96
N GLY A 157 24.80 6.51 -33.71
CA GLY A 157 24.14 7.42 -32.76
C GLY A 157 22.96 6.77 -32.06
N GLY A 158 22.85 5.44 -32.06
CA GLY A 158 21.87 4.68 -31.26
C GLY A 158 20.66 4.19 -32.05
N TYR A 159 20.71 4.18 -33.38
CA TYR A 159 19.57 3.76 -34.23
C TYR A 159 19.66 2.28 -34.56
N THR A 160 20.88 1.78 -34.84
CA THR A 160 21.14 0.35 -35.16
C THR A 160 22.25 -0.13 -34.24
N PHE A 161 22.19 -1.41 -33.89
CA PHE A 161 23.08 -2.03 -32.91
C PHE A 161 23.64 -3.31 -33.49
N THR A 162 24.89 -3.58 -33.13
CA THR A 162 25.57 -4.86 -33.40
C THR A 162 25.78 -5.58 -32.07
N LYS A 163 25.30 -6.82 -31.96
CA LYS A 163 25.44 -7.63 -30.73
C LYS A 163 26.88 -8.10 -30.62
N TYR A 164 27.44 -8.06 -29.42
CA TYR A 164 28.82 -8.50 -29.12
C TYR A 164 28.90 -9.99 -29.46
N GLU A 165 29.93 -10.37 -30.20
CA GLU A 165 30.12 -11.76 -30.70
C GLU A 165 30.25 -12.74 -29.52
N ASN A 166 30.77 -12.33 -28.37
CA ASN A 166 30.97 -13.24 -27.21
C ASN A 166 29.88 -13.06 -26.15
N ASN A 167 28.68 -12.58 -26.53
CA ASN A 167 27.50 -12.64 -25.64
C ASN A 167 27.23 -14.10 -25.30
N PRO A 168 26.72 -14.44 -24.10
CA PRO A 168 26.42 -13.45 -23.05
C PRO A 168 27.66 -12.99 -22.26
N VAL A 169 27.60 -11.78 -21.69
CA VAL A 169 28.69 -11.24 -20.83
C VAL A 169 28.50 -11.74 -19.38
N ILE A 170 27.27 -12.04 -18.97
CA ILE A 170 27.00 -12.69 -17.66
C ILE A 170 25.93 -13.77 -17.86
N ASP A 171 26.26 -14.99 -17.46
CA ASP A 171 25.33 -16.14 -17.40
C ASP A 171 25.53 -16.84 -16.05
N VAL A 172 24.48 -16.93 -15.23
CA VAL A 172 24.53 -17.63 -13.91
C VAL A 172 23.62 -18.86 -13.94
N SER A 173 23.25 -19.35 -15.12
CA SER A 173 22.37 -20.53 -15.35
C SER A 173 21.00 -20.31 -14.68
N SER A 174 20.40 -19.14 -14.84
CA SER A 174 19.09 -18.79 -14.23
C SER A 174 18.13 -18.36 -15.34
N ASN A 175 16.83 -18.58 -15.14
CA ASN A 175 15.77 -17.98 -15.97
C ASN A 175 15.08 -16.82 -15.23
N GLN A 176 15.67 -16.33 -14.14
CA GLN A 176 15.13 -15.20 -13.33
C GLN A 176 16.30 -14.29 -12.98
N PHE A 177 16.81 -13.59 -13.97
CA PHE A 177 18.07 -12.83 -13.86
C PHE A 177 18.06 -11.72 -14.91
N ARG A 178 17.63 -10.51 -14.55
CA ARG A 178 17.27 -9.52 -15.60
C ARG A 178 17.36 -8.08 -15.11
N ASP A 179 17.39 -7.17 -16.10
CA ASP A 179 17.17 -5.71 -15.98
C ASP A 179 18.45 -5.02 -15.51
N PRO A 180 19.54 -5.06 -16.32
CA PRO A 180 20.80 -4.42 -15.92
C PRO A 180 20.78 -2.91 -16.11
N LYS A 181 21.12 -2.15 -15.07
CA LYS A 181 21.37 -0.71 -15.16
C LYS A 181 22.86 -0.49 -14.94
N VAL A 182 23.54 0.07 -15.93
CA VAL A 182 25.03 0.21 -15.93
C VAL A 182 25.41 1.67 -15.82
N PHE A 183 26.48 1.98 -15.06
CA PHE A 183 27.03 3.34 -15.00
C PHE A 183 28.54 3.27 -14.73
N TRP A 184 29.23 4.33 -15.14
CA TRP A 184 30.67 4.52 -14.86
C TRP A 184 30.80 5.03 -13.43
N HIS A 185 31.60 4.35 -12.61
CA HIS A 185 31.87 4.79 -11.22
C HIS A 185 33.30 5.35 -11.15
N GLU A 186 33.45 6.67 -11.13
CA GLU A 186 34.80 7.29 -11.21
C GLU A 186 35.62 6.91 -9.97
N ASP A 187 35.03 6.97 -8.78
CA ASP A 187 35.78 6.76 -7.50
C ASP A 187 36.47 5.40 -7.53
N SER A 188 35.82 4.33 -8.03
CA SER A 188 36.40 2.95 -8.06
C SER A 188 36.92 2.61 -9.47
N ASN A 189 36.84 3.56 -10.39
CA ASN A 189 37.41 3.47 -11.76
C ASN A 189 36.92 2.20 -12.45
N GLN A 190 35.60 1.97 -12.49
CA GLN A 190 35.06 0.80 -13.19
C GLN A 190 33.59 1.03 -13.56
N TRP A 191 33.10 0.19 -14.45
CA TRP A 191 31.67 0.09 -14.80
C TRP A 191 30.98 -0.68 -13.67
N ILE A 192 29.79 -0.24 -13.29
CA ILE A 192 28.95 -0.90 -12.27
C ILE A 192 27.67 -1.34 -12.99
N MET A 193 27.26 -2.59 -12.76
CA MET A 193 25.94 -3.11 -13.14
C MET A 193 25.15 -3.42 -11.87
N VAL A 194 23.93 -2.89 -11.78
CA VAL A 194 22.92 -3.44 -10.84
C VAL A 194 21.91 -4.22 -11.68
N VAL A 195 21.60 -5.42 -11.26
CA VAL A 195 20.73 -6.36 -12.01
C VAL A 195 19.96 -7.18 -10.98
N SER A 196 18.76 -7.62 -11.31
CA SER A 196 17.89 -8.33 -10.34
C SER A 196 18.08 -9.83 -10.48
N LYS A 197 18.39 -10.49 -9.37
CA LYS A 197 18.16 -11.94 -9.25
C LYS A 197 16.74 -12.06 -8.70
N SER A 198 15.77 -12.00 -9.62
CA SER A 198 14.38 -11.53 -9.38
C SER A 198 13.71 -12.35 -8.28
N GLN A 199 13.76 -13.68 -8.33
CA GLN A 199 12.99 -14.52 -7.36
C GLN A 199 13.83 -14.85 -6.13
N GLU A 200 15.10 -14.46 -6.10
CA GLU A 200 15.94 -14.58 -4.87
C GLU A 200 15.83 -13.30 -4.05
N TYR A 201 15.12 -12.28 -4.52
CA TYR A 201 15.02 -10.96 -3.84
C TYR A 201 16.43 -10.40 -3.56
N LYS A 202 17.27 -10.40 -4.61
CA LYS A 202 18.60 -9.78 -4.54
C LYS A 202 18.78 -8.83 -5.72
N ILE A 203 19.25 -7.62 -5.43
CA ILE A 203 19.93 -6.75 -6.41
C ILE A 203 21.41 -7.14 -6.36
N GLN A 204 21.94 -7.58 -7.49
CA GLN A 204 23.37 -7.97 -7.61
C GLN A 204 24.14 -6.81 -8.24
N ILE A 205 25.27 -6.49 -7.63
CA ILE A 205 26.17 -5.40 -8.05
C ILE A 205 27.42 -6.06 -8.63
N PHE A 206 27.64 -5.88 -9.93
CA PHE A 206 28.82 -6.40 -10.65
C PHE A 206 29.70 -5.21 -11.06
N GLY A 207 30.99 -5.47 -11.25
CA GLY A 207 31.98 -4.49 -11.70
C GLY A 207 32.72 -4.99 -12.91
N SER A 208 33.20 -4.08 -13.75
CA SER A 208 33.87 -4.41 -15.03
C SER A 208 34.77 -3.26 -15.46
N ALA A 209 35.94 -3.59 -16.02
CA ALA A 209 36.87 -2.63 -16.65
C ALA A 209 36.41 -2.30 -18.08
N ASN A 210 35.66 -3.19 -18.74
CA ASN A 210 35.52 -3.15 -20.23
C ASN A 210 34.09 -3.48 -20.71
N LEU A 211 33.10 -3.63 -19.82
CA LEU A 211 31.68 -3.98 -20.14
C LEU A 211 31.52 -5.43 -20.63
N LYS A 212 32.60 -6.21 -20.70
CA LYS A 212 32.54 -7.59 -21.24
C LYS A 212 32.82 -8.62 -20.14
N ASN A 213 33.80 -8.35 -19.27
CA ASN A 213 34.19 -9.25 -18.16
C ASN A 213 33.73 -8.64 -16.86
N TRP A 214 32.83 -9.34 -16.15
CA TRP A 214 32.15 -8.84 -14.94
C TRP A 214 32.49 -9.73 -13.75
N VAL A 215 32.60 -9.10 -12.58
CA VAL A 215 32.84 -9.74 -11.25
C VAL A 215 31.68 -9.36 -10.32
N LEU A 216 31.07 -10.34 -9.65
CA LEU A 216 30.01 -10.07 -8.63
C LEU A 216 30.66 -9.50 -7.38
N ASN A 217 30.26 -8.29 -6.97
CA ASN A 217 30.87 -7.57 -5.82
C ASN A 217 29.96 -7.65 -4.59
N SER A 218 28.63 -7.56 -4.74
CA SER A 218 27.74 -7.64 -3.56
C SER A 218 26.31 -7.97 -3.96
N ASN A 219 25.53 -8.42 -2.98
CA ASN A 219 24.08 -8.61 -3.10
C ASN A 219 23.39 -7.67 -2.12
N PHE A 220 22.26 -7.12 -2.51
CA PHE A 220 21.47 -6.20 -1.65
C PHE A 220 20.02 -6.68 -1.64
N SER A 221 19.46 -6.82 -0.44
CA SER A 221 18.06 -7.28 -0.18
C SER A 221 17.44 -6.42 0.91
N SER A 222 16.33 -5.74 0.63
CA SER A 222 15.63 -4.90 1.63
C SER A 222 14.24 -4.51 1.13
N GLY A 223 13.52 -3.77 1.96
CA GLY A 223 12.28 -3.10 1.56
C GLY A 223 11.12 -4.06 1.47
N TYR A 224 10.20 -3.73 0.57
CA TYR A 224 8.98 -4.51 0.33
C TYR A 224 9.28 -5.51 -0.78
N TYR A 225 9.27 -6.81 -0.46
CA TYR A 225 9.74 -7.87 -1.37
C TYR A 225 8.72 -8.09 -2.51
N GLY A 226 7.42 -8.11 -2.17
CA GLY A 226 6.39 -8.62 -3.09
C GLY A 226 6.78 -9.98 -3.64
N ASN A 227 6.44 -10.23 -4.91
CA ASN A 227 6.65 -11.54 -5.59
C ASN A 227 8.09 -11.63 -6.11
N GLN A 228 8.66 -10.53 -6.61
CA GLN A 228 10.02 -10.57 -7.23
C GLN A 228 10.58 -9.17 -7.44
N TYR A 229 11.91 -9.09 -7.47
CA TYR A 229 12.68 -7.86 -7.76
C TYR A 229 12.83 -7.69 -9.27
N GLU A 230 12.69 -6.46 -9.77
CA GLU A 230 12.91 -6.12 -11.20
C GLU A 230 13.55 -4.73 -11.29
N CYS A 231 14.04 -4.40 -12.49
CA CYS A 231 14.47 -3.04 -12.91
C CYS A 231 15.12 -2.27 -11.78
N PRO A 232 16.26 -2.73 -11.21
CA PRO A 232 16.99 -1.95 -10.23
C PRO A 232 17.70 -0.76 -10.88
N GLY A 233 18.04 0.23 -10.07
CA GLY A 233 18.83 1.39 -10.48
C GLY A 233 19.65 1.87 -9.31
N LEU A 234 20.77 2.51 -9.57
CA LEU A 234 21.66 3.02 -8.51
C LEU A 234 22.34 4.26 -9.05
N ILE A 235 22.13 5.40 -8.41
CA ILE A 235 22.56 6.70 -8.98
C ILE A 235 22.76 7.71 -7.87
N GLU A 236 23.68 8.64 -8.08
CA GLU A 236 23.91 9.78 -7.16
C GLU A 236 22.83 10.82 -7.42
N VAL A 237 22.02 11.11 -6.41
CA VAL A 237 20.94 12.12 -6.50
C VAL A 237 21.37 13.35 -5.72
N PRO A 238 21.30 14.56 -6.32
CA PRO A 238 21.73 15.77 -5.62
C PRO A 238 20.78 16.15 -4.48
N ILE A 239 21.36 16.60 -3.37
CA ILE A 239 20.62 17.25 -2.25
C ILE A 239 20.41 18.71 -2.64
N GLU A 240 19.20 19.23 -2.48
CA GLU A 240 18.86 20.63 -2.84
C GLU A 240 19.75 21.58 -2.04
N ASN A 241 20.11 22.71 -2.67
CA ASN A 241 20.90 23.80 -2.02
C ASN A 241 22.22 23.24 -1.50
N SER A 242 22.84 22.31 -2.21
CA SER A 242 24.05 21.58 -1.71
C SER A 242 24.85 21.06 -2.90
N ASP A 243 26.15 20.87 -2.71
CA ASP A 243 27.01 20.17 -3.70
C ASP A 243 27.12 18.69 -3.33
N LYS A 244 26.50 18.30 -2.22
CA LYS A 244 26.51 16.89 -1.76
C LYS A 244 25.36 16.14 -2.46
N SER A 245 25.52 14.84 -2.48
CA SER A 245 24.54 13.88 -3.02
C SER A 245 24.38 12.72 -2.03
N LYS A 246 23.40 11.87 -2.30
CA LYS A 246 23.34 10.51 -1.73
C LYS A 246 23.23 9.56 -2.90
N TRP A 247 23.64 8.32 -2.67
CA TRP A 247 23.32 7.21 -3.57
C TRP A 247 21.89 6.76 -3.30
N VAL A 248 21.09 6.64 -4.36
CA VAL A 248 19.70 6.15 -4.27
C VAL A 248 19.63 4.85 -5.08
N MET A 249 19.26 3.77 -4.40
CA MET A 249 18.96 2.48 -5.04
C MET A 249 17.47 2.46 -5.35
N PHE A 250 17.12 2.26 -6.62
CA PHE A 250 15.73 2.09 -7.11
C PHE A 250 15.48 0.60 -7.33
N LEU A 251 14.24 0.19 -7.14
CA LEU A 251 13.84 -1.23 -7.20
C LEU A 251 12.36 -1.31 -7.56
N ALA A 252 12.03 -2.10 -8.57
CA ALA A 252 10.65 -2.36 -9.02
C ALA A 252 10.24 -3.71 -8.44
N ILE A 253 9.02 -3.82 -7.96
CA ILE A 253 8.47 -5.13 -7.54
C ILE A 253 7.13 -5.33 -8.23
N ASN A 254 6.88 -6.56 -8.62
CA ASN A 254 5.61 -6.94 -9.29
C ASN A 254 5.52 -8.46 -9.35
N PRO A 255 4.33 -9.06 -9.11
CA PRO A 255 3.24 -8.42 -8.40
C PRO A 255 3.55 -8.29 -6.89
N GLY A 256 2.53 -8.02 -6.09
CA GLY A 256 2.65 -7.92 -4.61
C GLY A 256 2.87 -6.51 -4.10
N SER A 257 2.74 -5.47 -4.93
CA SER A 257 2.71 -4.07 -4.43
C SER A 257 1.66 -3.97 -3.33
N PRO A 258 1.88 -3.19 -2.26
CA PRO A 258 0.86 -3.00 -1.22
C PRO A 258 -0.36 -2.27 -1.78
N LEU A 259 -0.21 -1.56 -2.92
CA LEU A 259 -1.32 -0.89 -3.64
C LEU A 259 -1.93 -1.82 -4.68
N GLY A 260 -1.41 -3.05 -4.82
CA GLY A 260 -1.88 -4.03 -5.80
C GLY A 260 -1.10 -3.93 -7.10
N GLY A 261 -0.44 -5.02 -7.49
CA GLY A 261 0.27 -5.14 -8.77
C GLY A 261 1.72 -4.67 -8.63
N SER A 262 2.07 -3.68 -9.45
CA SER A 262 3.45 -3.25 -9.72
C SER A 262 3.72 -1.90 -9.06
N ILE A 263 4.90 -1.72 -8.51
CA ILE A 263 5.27 -0.41 -7.89
C ILE A 263 6.80 -0.28 -7.85
N ASN A 264 7.27 0.97 -7.71
CA ASN A 264 8.71 1.28 -7.57
C ASN A 264 9.00 1.74 -6.13
N GLN A 265 10.13 1.32 -5.59
CA GLN A 265 10.59 1.77 -4.26
C GLN A 265 12.03 2.26 -4.34
N TYR A 266 12.51 2.88 -3.27
CA TYR A 266 13.88 3.42 -3.25
C TYR A 266 14.46 3.30 -1.86
N PHE A 267 15.77 3.43 -1.81
CA PHE A 267 16.60 3.35 -0.59
C PHE A 267 17.68 4.43 -0.73
N VAL A 268 17.96 5.16 0.35
CA VAL A 268 18.93 6.28 0.33
C VAL A 268 20.15 5.83 1.14
N GLY A 269 21.34 5.97 0.60
CA GLY A 269 22.54 5.63 1.35
C GLY A 269 23.82 6.03 0.65
N ASP A 270 24.83 5.16 0.74
N ASP A 270 24.82 5.15 0.73
CA ASP A 270 26.17 5.43 0.20
CA ASP A 270 26.21 5.39 0.28
C ASP A 270 26.64 4.19 -0.56
C ASP A 270 26.64 4.18 -0.55
N PHE A 271 27.59 4.39 -1.46
CA PHE A 271 28.09 3.34 -2.36
C PHE A 271 29.57 3.59 -2.56
N ASP A 272 30.39 2.54 -2.53
CA ASP A 272 31.87 2.68 -2.64
C ASP A 272 32.37 1.99 -3.91
N GLY A 273 31.46 1.57 -4.81
CA GLY A 273 31.83 0.82 -6.02
C GLY A 273 31.61 -0.67 -5.85
N PHE A 274 31.34 -1.14 -4.62
CA PHE A 274 31.27 -2.59 -4.29
C PHE A 274 29.99 -2.92 -3.54
N GLN A 275 29.64 -2.12 -2.53
CA GLN A 275 28.48 -2.37 -1.64
C GLN A 275 27.67 -1.09 -1.51
N PHE A 276 26.35 -1.24 -1.64
CA PHE A 276 25.39 -0.18 -1.30
C PHE A 276 24.98 -0.36 0.17
N VAL A 277 25.13 0.68 0.96
CA VAL A 277 24.79 0.71 2.42
C VAL A 277 23.72 1.75 2.63
N PRO A 278 22.46 1.34 2.88
CA PRO A 278 21.41 2.32 3.15
C PRO A 278 21.67 3.03 4.49
N ASP A 279 21.25 4.29 4.60
CA ASP A 279 21.40 5.11 5.83
C ASP A 279 20.44 4.60 6.91
N ASP A 280 19.36 3.92 6.53
CA ASP A 280 18.30 3.43 7.45
C ASP A 280 17.72 2.17 6.83
N SER A 281 16.77 1.51 7.49
CA SER A 281 16.14 0.29 6.96
C SER A 281 14.68 0.55 6.60
N GLN A 282 14.33 1.80 6.23
CA GLN A 282 12.91 2.13 5.96
C GLN A 282 12.59 1.81 4.49
N THR A 283 11.33 1.49 4.26
CA THR A 283 10.73 1.26 2.92
C THR A 283 10.02 2.53 2.48
N ARG A 284 10.26 2.96 1.24
CA ARG A 284 9.53 4.12 0.63
C ARG A 284 9.31 3.86 -0.86
N PHE A 285 8.16 4.28 -1.36
CA PHE A 285 7.77 4.16 -2.78
C PHE A 285 8.13 5.45 -3.52
N VAL A 286 8.52 5.29 -4.80
CA VAL A 286 8.88 6.43 -5.67
C VAL A 286 7.61 7.24 -5.99
N ASP A 287 6.51 6.54 -6.26
CA ASP A 287 5.22 7.13 -6.73
C ASP A 287 4.13 6.24 -6.14
N ILE A 288 3.11 6.83 -5.54
CA ILE A 288 2.08 6.07 -4.80
C ILE A 288 0.75 6.16 -5.55
N GLY A 289 0.82 6.39 -6.86
CA GLY A 289 -0.27 6.03 -7.79
C GLY A 289 -0.18 4.57 -8.17
N LYS A 290 -1.13 4.08 -8.95
CA LYS A 290 -1.17 2.68 -9.40
C LYS A 290 -0.23 2.48 -10.60
N ASP A 291 0.09 3.53 -11.35
CA ASP A 291 0.57 3.39 -12.75
C ASP A 291 1.94 4.07 -12.92
N PHE A 292 2.95 3.61 -12.18
CA PHE A 292 4.33 4.13 -12.32
C PHE A 292 5.27 2.98 -11.98
N TYR A 293 5.81 2.35 -13.02
CA TYR A 293 6.56 1.08 -12.86
C TYR A 293 7.80 1.06 -13.77
N ALA A 294 8.82 0.33 -13.35
CA ALA A 294 10.02 0.06 -14.18
C ALA A 294 10.72 1.38 -14.49
N PHE A 295 10.77 2.27 -13.49
CA PHE A 295 11.49 3.55 -13.52
C PHE A 295 12.95 3.32 -13.92
N GLN A 296 13.44 4.14 -14.85
CA GLN A 296 14.87 4.21 -15.22
C GLN A 296 15.31 5.67 -15.30
N THR A 297 16.58 5.91 -15.01
CA THR A 297 17.22 7.23 -15.15
C THR A 297 17.95 7.31 -16.49
N PHE A 298 18.00 8.51 -17.06
CA PHE A 298 18.80 8.84 -18.27
C PHE A 298 20.28 8.83 -17.93
N SER A 299 21.10 8.15 -18.73
CA SER A 299 22.57 8.29 -18.70
C SER A 299 22.98 9.62 -19.35
N GLU A 300 24.13 10.15 -18.94
CA GLU A 300 24.84 11.30 -19.58
C GLU A 300 24.07 12.59 -19.31
N VAL A 301 23.37 12.72 -18.18
CA VAL A 301 22.72 14.00 -17.79
C VAL A 301 23.78 14.89 -17.14
N GLU A 302 23.95 16.11 -17.63
CA GLU A 302 25.00 17.05 -17.12
C GLU A 302 24.57 17.57 -15.74
N HIS A 303 23.33 18.05 -15.61
CA HIS A 303 22.82 18.71 -14.37
C HIS A 303 21.71 17.87 -13.74
N GLY A 304 22.03 17.17 -12.66
CA GLY A 304 21.04 16.48 -11.82
C GLY A 304 20.71 15.10 -12.36
N VAL A 305 19.51 14.63 -12.04
CA VAL A 305 19.05 13.26 -12.32
C VAL A 305 17.67 13.37 -12.98
N LEU A 306 17.53 12.78 -14.17
CA LEU A 306 16.23 12.72 -14.88
C LEU A 306 15.85 11.27 -15.07
N GLY A 307 14.56 10.99 -15.05
CA GLY A 307 14.09 9.61 -15.29
C GLY A 307 12.64 9.59 -15.70
N LEU A 308 12.19 8.42 -16.13
CA LEU A 308 10.74 8.22 -16.37
C LEU A 308 10.42 6.74 -16.19
N ALA A 309 9.14 6.44 -16.22
CA ALA A 309 8.63 5.09 -15.95
C ALA A 309 7.58 4.71 -17.00
N TRP A 310 7.21 3.45 -16.99
CA TRP A 310 6.02 2.92 -17.68
C TRP A 310 4.76 3.28 -16.89
N ALA A 311 3.82 3.97 -17.52
CA ALA A 311 2.63 4.56 -16.84
C ALA A 311 1.46 3.59 -16.90
N SER A 312 1.64 2.40 -16.37
CA SER A 312 0.55 1.42 -16.17
C SER A 312 0.92 0.46 -15.05
N ASN A 313 0.06 -0.53 -14.87
CA ASN A 313 0.13 -1.54 -13.79
C ASN A 313 -0.12 -2.88 -14.45
N TRP A 314 0.75 -3.84 -14.18
CA TRP A 314 0.66 -5.19 -14.79
C TRP A 314 -0.70 -5.85 -14.54
N GLN A 315 -1.43 -5.48 -13.47
CA GLN A 315 -2.74 -6.09 -13.16
C GLN A 315 -3.71 -5.92 -14.34
N TYR A 316 -3.69 -4.79 -15.06
CA TYR A 316 -4.70 -4.47 -16.09
C TYR A 316 -4.10 -3.80 -17.33
N ALA A 317 -2.78 -3.61 -17.42
CA ALA A 317 -2.14 -2.83 -18.50
C ALA A 317 -2.60 -3.33 -19.89
N ASP A 318 -2.74 -4.65 -20.09
CA ASP A 318 -3.01 -5.23 -21.42
C ASP A 318 -4.52 -5.31 -21.71
N GLN A 319 -5.36 -4.72 -20.86
CA GLN A 319 -6.83 -4.80 -21.00
C GLN A 319 -7.48 -3.41 -21.15
N VAL A 320 -6.71 -2.33 -21.01
CA VAL A 320 -7.28 -0.96 -21.00
C VAL A 320 -7.78 -0.63 -22.40
N PRO A 321 -8.89 0.14 -22.53
CA PRO A 321 -9.56 0.32 -23.83
C PRO A 321 -8.89 1.39 -24.71
N THR A 322 -7.65 1.13 -25.09
CA THR A 322 -6.91 1.89 -26.13
C THR A 322 -6.60 0.97 -27.29
N ASN A 323 -6.55 1.56 -28.49
CA ASN A 323 -6.27 0.83 -29.74
C ASN A 323 -5.91 1.89 -30.78
N PRO A 324 -4.91 1.68 -31.68
CA PRO A 324 -4.17 0.42 -31.84
C PRO A 324 -2.85 0.28 -31.08
N TRP A 325 -2.72 0.97 -29.94
CA TRP A 325 -1.53 0.88 -29.05
C TRP A 325 -2.03 0.59 -27.63
N ARG A 326 -1.15 0.11 -26.76
CA ARG A 326 -1.35 0.18 -25.29
C ARG A 326 -0.07 0.69 -24.63
N SER A 327 -0.26 1.62 -23.69
CA SER A 327 0.74 2.12 -22.71
C SER A 327 1.34 3.43 -23.21
N SER A 328 1.61 4.32 -22.26
CA SER A 328 2.51 5.47 -22.42
C SER A 328 3.59 5.39 -21.35
N THR A 329 4.62 6.19 -21.49
CA THR A 329 5.56 6.49 -20.39
C THR A 329 4.92 7.57 -19.53
N SER A 330 5.48 7.79 -18.34
CA SER A 330 5.26 9.01 -17.54
C SER A 330 5.94 10.17 -18.28
N LEU A 331 5.68 11.41 -17.83
CA LEU A 331 6.59 12.53 -18.15
C LEU A 331 7.99 12.20 -17.63
N ALA A 332 9.01 12.83 -18.21
CA ALA A 332 10.34 12.87 -17.61
C ALA A 332 10.23 13.68 -16.31
N ARG A 333 10.92 13.24 -15.28
CA ARG A 333 10.92 13.94 -13.98
C ARG A 333 12.37 14.20 -13.56
N ASN A 334 12.50 15.25 -12.78
CA ASN A 334 13.78 15.79 -12.27
C ASN A 334 13.84 15.43 -10.79
N TYR A 335 14.83 14.66 -10.38
CA TYR A 335 14.93 14.01 -9.06
C TYR A 335 15.96 14.74 -8.20
N THR A 336 15.54 15.12 -7.00
CA THR A 336 16.42 15.72 -5.97
C THR A 336 16.11 15.07 -4.63
N LEU A 337 16.94 15.34 -3.63
CA LEU A 337 16.67 15.01 -2.22
C LEU A 337 16.50 16.30 -1.42
N ARG A 338 15.52 16.29 -0.53
CA ARG A 338 15.17 17.45 0.34
C ARG A 338 14.83 16.90 1.73
N TYR A 339 15.23 17.63 2.78
CA TYR A 339 14.80 17.36 4.16
C TYR A 339 13.38 17.90 4.29
N VAL A 340 12.40 17.04 4.52
CA VAL A 340 10.99 17.46 4.64
C VAL A 340 10.43 16.86 5.92
N HIS A 341 9.48 17.55 6.52
CA HIS A 341 8.69 17.03 7.67
C HIS A 341 7.82 15.87 7.18
N THR A 342 8.01 14.69 7.77
CA THR A 342 7.12 13.51 7.56
C THR A 342 6.12 13.46 8.72
N ASN A 343 6.43 14.16 9.83
CA ASN A 343 5.46 14.50 10.91
C ASN A 343 5.85 15.88 11.45
N ALA A 344 5.13 16.39 12.45
CA ALA A 344 5.32 17.75 13.01
C ALA A 344 6.72 17.89 13.64
N GLU A 345 7.29 16.80 14.18
CA GLU A 345 8.58 16.85 14.93
C GLU A 345 9.77 16.61 14.01
N THR A 346 9.64 15.75 12.99
CA THR A 346 10.80 15.05 12.38
C THR A 346 10.89 15.32 10.88
N LYS A 347 12.10 15.67 10.43
CA LYS A 347 12.46 15.78 8.99
C LYS A 347 13.17 14.49 8.57
N GLN A 348 12.88 14.02 7.36
CA GLN A 348 13.59 12.90 6.69
C GLN A 348 14.12 13.40 5.35
N LEU A 349 15.34 12.99 4.98
CA LEU A 349 15.87 13.21 3.60
C LEU A 349 15.02 12.37 2.65
N THR A 350 14.26 13.02 1.79
CA THR A 350 13.16 12.41 1.00
C THR A 350 13.42 12.65 -0.49
N LEU A 351 13.10 11.66 -1.33
CA LEU A 351 13.17 11.78 -2.81
C LEU A 351 12.08 12.74 -3.27
N ILE A 352 12.48 13.79 -3.98
CA ILE A 352 11.61 14.83 -4.58
C ILE A 352 11.63 14.62 -6.09
N GLN A 353 10.49 14.79 -6.75
CA GLN A 353 10.45 14.72 -8.22
C GLN A 353 9.49 15.77 -8.74
N ASN A 354 9.88 16.44 -9.83
CA ASN A 354 9.08 17.50 -10.48
C ASN A 354 9.11 17.24 -11.99
N PRO A 355 7.99 17.49 -12.69
CA PRO A 355 7.88 17.12 -14.10
C PRO A 355 8.76 18.03 -14.97
N VAL A 356 9.29 17.47 -16.05
CA VAL A 356 10.04 18.22 -17.09
C VAL A 356 9.00 18.68 -18.12
N LEU A 357 8.71 19.97 -18.12
CA LEU A 357 7.68 20.59 -18.99
C LEU A 357 8.27 21.87 -19.56
N PRO A 358 9.00 21.79 -20.69
CA PRO A 358 9.74 22.93 -21.21
C PRO A 358 8.86 23.97 -21.93
N ASP A 359 9.47 25.09 -22.29
CA ASP A 359 8.80 26.28 -22.90
C ASP A 359 8.36 25.98 -24.34
N SER A 360 8.73 24.82 -24.90
CA SER A 360 8.28 24.38 -26.25
C SER A 360 6.81 23.94 -26.21
N ILE A 361 6.24 23.72 -25.01
CA ILE A 361 4.78 23.43 -24.88
C ILE A 361 4.01 24.74 -25.06
N ASN A 362 3.00 24.71 -25.91
N ASN A 362 2.99 24.73 -25.92
CA ASN A 362 2.13 25.87 -26.25
CA ASN A 362 2.15 25.90 -26.23
C ASN A 362 1.00 25.97 -25.21
C ASN A 362 1.00 25.98 -25.22
N VAL A 363 0.76 27.18 -24.69
CA VAL A 363 -0.41 27.50 -23.83
C VAL A 363 -1.51 28.02 -24.75
N VAL A 364 -2.57 27.23 -24.91
CA VAL A 364 -3.72 27.58 -25.79
C VAL A 364 -4.56 28.62 -25.06
N ASP A 365 -4.82 28.41 -23.77
CA ASP A 365 -5.65 29.32 -22.94
C ASP A 365 -5.27 29.10 -21.47
N LYS A 366 -5.57 30.06 -20.61
CA LYS A 366 -5.16 30.03 -19.18
C LYS A 366 -6.22 30.74 -18.33
N LEU A 367 -6.45 30.19 -17.14
CA LEU A 367 -7.20 30.81 -16.03
C LEU A 367 -6.16 31.05 -14.93
N LYS A 368 -6.03 32.29 -14.48
CA LYS A 368 -5.06 32.68 -13.43
C LYS A 368 -5.83 33.46 -12.37
N LYS A 369 -5.75 33.04 -11.11
CA LYS A 369 -6.45 33.70 -9.99
C LYS A 369 -5.47 33.78 -8.82
N LYS A 370 -5.68 34.76 -7.95
CA LYS A 370 -4.91 34.82 -6.69
C LYS A 370 -5.80 35.28 -5.54
N ASN A 371 -5.43 34.82 -4.35
CA ASN A 371 -6.06 35.23 -3.06
C ASN A 371 -7.56 34.99 -3.14
N VAL A 372 -7.98 33.81 -3.61
CA VAL A 372 -9.41 33.40 -3.75
C VAL A 372 -9.85 32.73 -2.45
N LYS A 373 -10.89 33.23 -1.79
CA LYS A 373 -11.55 32.54 -0.64
C LYS A 373 -12.62 31.61 -1.21
N LEU A 374 -12.37 30.30 -1.26
CA LEU A 374 -13.27 29.33 -1.92
C LEU A 374 -14.51 29.08 -1.05
N THR A 375 -15.70 29.10 -1.66
CA THR A 375 -17.00 28.79 -1.00
C THR A 375 -17.89 28.13 -2.03
N ASN A 376 -19.03 27.60 -1.57
CA ASN A 376 -20.05 26.93 -2.42
C ASN A 376 -20.58 27.93 -3.45
N LYS A 377 -20.50 29.24 -3.18
CA LYS A 377 -21.01 30.31 -4.09
C LYS A 377 -19.89 30.85 -4.98
N LYS A 378 -18.64 30.44 -4.77
CA LYS A 378 -17.46 30.97 -5.51
C LYS A 378 -16.63 29.82 -6.11
N PRO A 379 -17.23 28.96 -6.96
CA PRO A 379 -16.47 27.91 -7.63
C PRO A 379 -15.53 28.53 -8.66
N ILE A 380 -14.42 27.87 -8.96
CA ILE A 380 -13.55 28.23 -10.10
C ILE A 380 -13.89 27.32 -11.27
N LYS A 381 -14.18 27.90 -12.43
CA LYS A 381 -14.62 27.12 -13.62
C LYS A 381 -13.87 27.63 -14.84
N THR A 382 -13.16 26.75 -15.55
CA THR A 382 -12.54 27.13 -16.84
C THR A 382 -13.66 27.30 -17.87
N ASN A 383 -13.44 28.19 -18.82
CA ASN A 383 -14.43 28.50 -19.87
C ASN A 383 -13.68 28.62 -21.20
N PHE A 384 -12.91 27.60 -21.55
CA PHE A 384 -12.01 27.58 -22.74
C PHE A 384 -12.87 27.27 -23.98
N LYS A 385 -12.47 27.78 -25.14
CA LYS A 385 -13.30 27.75 -26.40
C LYS A 385 -13.44 26.30 -26.88
N GLY A 386 -12.35 25.52 -26.91
CA GLY A 386 -12.40 24.08 -27.19
C GLY A 386 -11.54 23.30 -26.21
N SER A 387 -11.07 22.11 -26.59
CA SER A 387 -10.15 21.32 -25.74
C SER A 387 -9.16 20.50 -26.56
N THR A 388 -7.90 20.53 -26.15
CA THR A 388 -6.82 19.60 -26.57
C THR A 388 -6.87 18.29 -25.77
N GLY A 389 -7.53 18.28 -24.61
CA GLY A 389 -7.50 17.13 -23.68
C GLY A 389 -6.24 17.12 -22.84
N LEU A 390 -5.38 18.13 -23.00
CA LEU A 390 -4.13 18.31 -22.22
C LEU A 390 -4.24 19.60 -21.40
N PHE A 391 -4.22 19.48 -20.06
CA PHE A 391 -4.35 20.61 -19.12
C PHE A 391 -3.34 20.43 -18.00
N ASP A 392 -2.91 21.52 -17.40
CA ASP A 392 -2.26 21.45 -16.06
C ASP A 392 -2.94 22.44 -15.10
N PHE A 393 -2.75 22.20 -13.81
CA PHE A 393 -3.30 23.03 -12.72
C PHE A 393 -2.23 23.10 -11.65
N ASN A 394 -2.03 24.30 -11.18
CA ASN A 394 -0.96 24.67 -10.23
C ASN A 394 -1.63 25.49 -9.13
N ILE A 395 -1.71 24.95 -7.92
CA ILE A 395 -2.44 25.61 -6.80
C ILE A 395 -1.55 25.63 -5.56
N THR A 396 -1.44 26.80 -4.94
CA THR A 396 -0.95 26.97 -3.54
C THR A 396 -2.16 27.42 -2.72
N PHE A 397 -2.45 26.72 -1.62
CA PHE A 397 -3.62 27.03 -0.79
C PHE A 397 -3.27 27.00 0.70
N LYS A 398 -4.08 27.71 1.47
CA LYS A 398 -3.98 27.78 2.94
C LYS A 398 -5.28 27.23 3.51
N VAL A 399 -5.17 26.51 4.61
CA VAL A 399 -6.35 26.03 5.39
C VAL A 399 -6.61 27.06 6.50
N LEU A 400 -7.76 27.71 6.43
CA LEU A 400 -8.17 28.78 7.39
C LEU A 400 -8.72 28.11 8.66
N ASN A 401 -8.77 28.86 9.76
CA ASN A 401 -9.42 28.44 11.03
C ASN A 401 -10.91 28.67 10.87
N LEU A 402 -11.61 27.65 10.40
CA LEU A 402 -13.08 27.61 10.30
C LEU A 402 -13.49 26.20 10.69
N ASN A 403 -14.40 26.06 11.65
CA ASN A 403 -15.02 24.78 12.06
C ASN A 403 -16.21 24.56 11.14
N VAL A 404 -16.19 23.48 10.36
CA VAL A 404 -17.31 23.11 9.45
C VAL A 404 -17.71 21.67 9.77
N SER A 405 -18.87 21.22 9.30
CA SER A 405 -19.35 19.83 9.52
C SER A 405 -18.41 18.86 8.81
N PRO A 406 -18.26 17.60 9.32
CA PRO A 406 -17.24 16.68 8.85
C PRO A 406 -17.32 16.33 7.36
N GLY A 407 -18.51 16.42 6.76
CA GLY A 407 -18.75 16.21 5.32
C GLY A 407 -18.17 17.32 4.44
N LYS A 408 -17.74 18.44 5.03
CA LYS A 408 -17.40 19.67 4.26
C LYS A 408 -15.95 20.07 4.44
N THR A 409 -15.12 19.25 5.09
CA THR A 409 -13.71 19.62 5.37
C THR A 409 -12.85 19.34 4.14
N HIS A 410 -13.32 19.68 2.93
CA HIS A 410 -12.58 19.34 1.70
C HIS A 410 -12.97 20.27 0.54
N PHE A 411 -12.09 20.32 -0.44
CA PHE A 411 -12.37 20.91 -1.77
C PHE A 411 -11.93 19.93 -2.84
N ASP A 412 -12.51 20.07 -4.03
CA ASP A 412 -12.38 19.08 -5.12
C ASP A 412 -12.06 19.81 -6.41
N ILE A 413 -11.09 19.27 -7.15
CA ILE A 413 -10.79 19.64 -8.56
C ILE A 413 -11.49 18.60 -9.41
N LEU A 414 -12.45 19.03 -10.22
CA LEU A 414 -13.23 18.14 -11.11
C LEU A 414 -12.67 18.28 -12.51
N ILE A 415 -12.28 17.16 -13.13
CA ILE A 415 -11.87 17.13 -14.54
C ILE A 415 -13.02 16.52 -15.34
N ASN A 416 -13.73 17.35 -16.10
CA ASN A 416 -14.97 16.95 -16.80
C ASN A 416 -14.68 16.74 -18.30
N SER A 417 -15.25 15.69 -18.87
CA SER A 417 -15.34 15.50 -20.33
C SER A 417 -16.34 16.51 -20.88
N GLN A 418 -16.40 16.60 -22.21
CA GLN A 418 -17.55 17.23 -22.91
C GLN A 418 -18.77 16.36 -22.64
N GLU A 419 -19.97 16.93 -22.77
CA GLU A 419 -21.22 16.14 -22.79
C GLU A 419 -21.28 15.38 -24.11
N LEU A 420 -21.42 14.07 -24.05
CA LEU A 420 -21.55 13.17 -25.24
C LEU A 420 -22.53 12.05 -24.90
N ASN A 421 -23.46 11.72 -25.80
CA ASN A 421 -24.56 10.76 -25.49
C ASN A 421 -25.20 11.16 -24.14
N SER A 422 -25.47 12.46 -23.96
CA SER A 422 -26.27 13.07 -22.86
C SER A 422 -25.61 12.92 -21.48
N SER A 423 -24.30 12.63 -21.39
CA SER A 423 -23.61 12.48 -20.10
C SER A 423 -22.19 13.05 -20.16
N VAL A 424 -21.68 13.40 -18.98
CA VAL A 424 -20.32 13.94 -18.75
C VAL A 424 -19.59 12.95 -17.86
N ASP A 425 -18.40 12.51 -18.25
CA ASP A 425 -17.53 11.66 -17.39
C ASP A 425 -16.59 12.60 -16.63
N SER A 426 -16.27 12.29 -15.39
CA SER A 426 -15.33 13.13 -14.61
C SER A 426 -14.42 12.27 -13.75
N ILE A 427 -13.26 12.82 -13.44
CA ILE A 427 -12.42 12.30 -12.33
C ILE A 427 -12.24 13.46 -11.37
N LYS A 428 -11.92 13.14 -10.12
CA LYS A 428 -11.91 14.11 -9.02
C LYS A 428 -10.58 14.00 -8.30
N ILE A 429 -9.95 15.14 -8.03
CA ILE A 429 -8.75 15.27 -7.16
C ILE A 429 -9.12 16.23 -6.04
N GLY A 430 -8.91 15.82 -4.80
CA GLY A 430 -9.35 16.64 -3.66
C GLY A 430 -8.34 16.66 -2.56
N PHE A 431 -8.63 17.51 -1.58
CA PHE A 431 -7.87 17.60 -0.32
C PHE A 431 -8.86 17.72 0.83
N ASP A 432 -8.59 16.95 1.88
CA ASP A 432 -9.37 16.99 3.14
C ASP A 432 -8.47 17.55 4.23
N SER A 433 -8.90 18.67 4.83
CA SER A 433 -8.10 19.41 5.83
C SER A 433 -8.10 18.65 7.17
N SER A 434 -9.16 17.91 7.48
CA SER A 434 -9.22 17.07 8.72
C SER A 434 -8.19 15.94 8.63
N GLN A 435 -7.91 15.41 7.43
CA GLN A 435 -6.98 14.27 7.23
C GLN A 435 -5.61 14.72 6.75
N SER A 436 -5.45 16.00 6.40
CA SER A 436 -4.21 16.53 5.79
C SER A 436 -3.78 15.61 4.63
N SER A 437 -4.74 15.19 3.81
CA SER A 437 -4.53 14.18 2.75
C SER A 437 -5.22 14.60 1.47
N PHE A 438 -4.49 14.43 0.38
CA PHE A 438 -5.04 14.51 -0.99
C PHE A 438 -5.67 13.17 -1.32
N TYR A 439 -6.56 13.18 -2.29
CA TYR A 439 -7.17 11.94 -2.81
C TYR A 439 -7.51 12.14 -4.27
N ILE A 440 -7.58 11.02 -4.98
CA ILE A 440 -8.11 10.95 -6.37
C ILE A 440 -9.22 9.91 -6.37
N ASP A 441 -10.23 10.15 -7.19
CA ASP A 441 -11.28 9.17 -7.51
C ASP A 441 -11.33 9.11 -9.03
N ARG A 442 -10.85 7.99 -9.61
CA ARG A 442 -10.82 7.80 -11.08
C ARG A 442 -11.94 6.85 -11.48
N HIS A 443 -12.92 6.62 -10.61
CA HIS A 443 -14.08 5.75 -10.91
C HIS A 443 -14.89 6.39 -12.03
N ILE A 444 -15.02 5.70 -13.16
CA ILE A 444 -15.89 6.14 -14.29
C ILE A 444 -16.90 5.02 -14.50
N PRO A 445 -18.14 5.24 -14.03
CA PRO A 445 -19.20 4.26 -14.17
C PRO A 445 -19.47 4.11 -15.67
N ASN A 446 -19.74 2.87 -16.08
CA ASN A 446 -20.18 2.46 -17.44
C ASN A 446 -18.99 2.23 -18.36
N VAL A 447 -17.76 2.48 -17.92
CA VAL A 447 -16.58 2.02 -18.69
C VAL A 447 -16.17 0.68 -18.10
N GLU A 448 -16.23 -0.37 -18.92
CA GLU A 448 -15.93 -1.77 -18.50
C GLU A 448 -14.72 -2.25 -19.27
N PHE A 449 -13.81 -2.94 -18.61
CA PHE A 449 -12.76 -3.72 -19.31
C PHE A 449 -12.33 -4.86 -18.40
N PRO A 450 -11.73 -5.92 -18.97
CA PRO A 450 -11.23 -7.03 -18.17
C PRO A 450 -10.29 -6.58 -17.04
N ARG A 451 -10.41 -7.22 -15.88
CA ARG A 451 -9.52 -7.06 -14.69
C ARG A 451 -9.71 -5.67 -14.07
N LYS A 452 -10.84 -5.02 -14.33
CA LYS A 452 -11.19 -3.74 -13.69
C LYS A 452 -11.39 -3.92 -12.17
N GLN A 453 -11.60 -5.14 -11.66
CA GLN A 453 -11.68 -5.41 -10.21
C GLN A 453 -10.36 -5.02 -9.52
N PHE A 454 -9.26 -4.94 -10.27
CA PHE A 454 -7.92 -4.61 -9.74
C PHE A 454 -7.62 -3.12 -9.95
N PHE A 455 -8.48 -2.43 -10.69
CA PHE A 455 -8.28 -1.01 -11.11
C PHE A 455 -8.73 -0.11 -9.96
N THR A 456 -7.90 -0.01 -8.93
CA THR A 456 -8.21 0.73 -7.69
C THR A 456 -8.62 2.15 -8.10
N ASP A 457 -9.77 2.61 -7.61
CA ASP A 457 -10.38 3.90 -8.04
C ASP A 457 -9.99 5.04 -7.08
N LYS A 458 -9.84 4.75 -5.79
CA LYS A 458 -9.64 5.77 -4.75
C LYS A 458 -8.21 5.62 -4.20
N LEU A 459 -7.39 6.65 -4.38
CA LEU A 459 -6.02 6.69 -3.83
C LEU A 459 -5.84 7.96 -3.03
N ALA A 460 -5.01 7.89 -1.98
CA ALA A 460 -4.85 8.98 -0.99
C ALA A 460 -3.37 9.22 -0.78
N ALA A 461 -3.02 10.44 -0.35
CA ALA A 461 -1.64 10.78 0.03
C ALA A 461 -1.68 11.73 1.22
N TYR A 462 -1.15 11.28 2.35
CA TYR A 462 -0.94 12.12 3.55
C TYR A 462 0.30 13.00 3.34
N LEU A 463 0.16 14.28 3.61
CA LEU A 463 1.32 15.22 3.64
C LEU A 463 1.25 16.16 4.84
N GLU A 464 2.42 16.42 5.41
CA GLU A 464 2.61 17.60 6.30
C GLU A 464 2.47 18.86 5.45
N PRO A 465 2.13 20.00 6.07
CA PRO A 465 2.10 21.27 5.35
C PRO A 465 3.44 21.55 4.66
N LEU A 466 3.36 22.17 3.48
CA LEU A 466 4.52 22.71 2.74
C LEU A 466 5.18 23.79 3.61
N ASP A 467 4.35 24.61 4.26
CA ASP A 467 4.79 25.80 5.04
C ASP A 467 3.67 26.20 5.99
N TYR A 468 3.96 27.13 6.90
CA TYR A 468 2.93 27.79 7.75
C TYR A 468 2.98 29.29 7.45
N ASP A 469 1.80 29.89 7.28
CA ASP A 469 1.64 31.36 7.18
C ASP A 469 1.04 31.78 8.52
N GLN A 470 1.90 32.26 9.43
CA GLN A 470 1.54 32.41 10.86
C GLN A 470 1.27 30.98 11.38
N ASP A 471 0.03 30.70 11.78
CA ASP A 471 -0.46 29.39 12.30
C ASP A 471 -1.20 28.62 11.20
N LEU A 472 -1.40 29.21 10.01
CA LEU A 472 -2.22 28.59 8.94
C LEU A 472 -1.38 27.63 8.09
N ARG A 473 -1.89 26.42 7.87
CA ARG A 473 -1.17 25.40 7.07
C ARG A 473 -1.23 25.76 5.57
N VAL A 474 -0.08 25.73 4.91
CA VAL A 474 0.04 25.95 3.44
C VAL A 474 0.41 24.62 2.77
N PHE A 475 -0.26 24.31 1.66
CA PHE A 475 0.04 23.15 0.79
C PHE A 475 0.11 23.64 -0.66
N SER A 476 0.74 22.84 -1.52
CA SER A 476 0.72 23.06 -2.98
C SER A 476 0.41 21.76 -3.70
N LEU A 477 -0.11 21.92 -4.91
CA LEU A 477 -0.49 20.80 -5.80
C LEU A 477 -0.19 21.25 -7.23
N TYR A 478 0.58 20.48 -7.97
CA TYR A 478 0.67 20.57 -9.44
C TYR A 478 0.16 19.25 -10.03
N GLY A 479 -0.81 19.37 -10.95
CA GLY A 479 -1.35 18.23 -11.68
C GLY A 479 -1.28 18.47 -13.19
N ILE A 480 -1.02 17.43 -13.95
CA ILE A 480 -1.14 17.49 -15.43
C ILE A 480 -1.97 16.31 -15.90
N VAL A 481 -2.96 16.61 -16.72
CA VAL A 481 -3.90 15.62 -17.32
CA VAL A 481 -3.88 15.61 -17.32
C VAL A 481 -3.61 15.60 -18.82
N ASP A 482 -3.35 14.43 -19.38
CA ASP A 482 -2.99 14.28 -20.81
C ASP A 482 -3.82 13.14 -21.38
N LYS A 483 -5.11 13.40 -21.62
CA LYS A 483 -6.06 12.53 -22.36
C LYS A 483 -6.42 11.26 -21.57
N ASN A 484 -5.47 10.44 -21.09
CA ASN A 484 -5.81 9.21 -20.33
C ASN A 484 -4.90 9.05 -19.11
N ILE A 485 -4.12 10.06 -18.77
CA ILE A 485 -3.16 9.93 -17.64
C ILE A 485 -3.14 11.23 -16.86
N ILE A 486 -3.13 11.11 -15.53
CA ILE A 486 -3.01 12.27 -14.63
C ILE A 486 -1.82 12.02 -13.72
N GLU A 487 -0.94 13.00 -13.63
CA GLU A 487 0.25 12.98 -12.76
C GLU A 487 0.09 14.10 -11.73
N LEU A 488 0.16 13.76 -10.45
CA LEU A 488 -0.03 14.72 -9.34
C LEU A 488 1.29 14.84 -8.59
N TYR A 489 1.67 16.06 -8.26
CA TYR A 489 2.90 16.39 -7.50
C TYR A 489 2.48 17.27 -6.32
N PHE A 490 2.58 16.72 -5.12
CA PHE A 490 2.12 17.36 -3.86
C PHE A 490 3.31 18.05 -3.20
N ASN A 491 3.09 19.30 -2.78
CA ASN A 491 4.08 20.09 -1.98
C ASN A 491 5.42 20.16 -2.72
N ASP A 492 5.40 20.68 -3.95
CA ASP A 492 6.62 20.92 -4.76
C ASP A 492 7.39 19.60 -4.92
N GLY A 493 6.67 18.51 -5.21
CA GLY A 493 7.28 17.22 -5.58
C GLY A 493 7.63 16.33 -4.39
N THR A 494 7.14 16.65 -3.19
CA THR A 494 7.37 15.83 -1.97
C THR A 494 6.79 14.42 -2.18
N VAL A 495 5.60 14.34 -2.76
CA VAL A 495 4.93 13.06 -3.09
C VAL A 495 4.43 13.17 -4.52
N ALA A 496 4.59 12.11 -5.32
CA ALA A 496 4.08 12.00 -6.70
C ALA A 496 3.10 10.84 -6.77
N MET A 497 2.06 11.00 -7.59
CA MET A 497 1.03 9.95 -7.78
C MET A 497 0.61 9.96 -9.26
N THR A 498 0.82 8.83 -9.94
CA THR A 498 0.55 8.68 -11.39
C THR A 498 -0.59 7.67 -11.56
N ASN A 499 -1.64 8.07 -12.27
CA ASN A 499 -2.79 7.18 -12.54
C ASN A 499 -3.31 7.39 -13.95
N THR A 500 -3.60 6.31 -14.65
CA THR A 500 -4.35 6.33 -15.91
C THR A 500 -5.85 6.41 -15.57
N PHE A 501 -6.66 6.84 -16.53
CA PHE A 501 -8.13 6.86 -16.40
C PHE A 501 -8.72 6.73 -17.80
N PHE A 502 -9.91 6.13 -17.89
CA PHE A 502 -10.55 5.75 -19.17
C PHE A 502 -11.99 6.22 -19.15
N MET A 503 -12.21 7.37 -19.78
CA MET A 503 -13.55 7.94 -20.00
C MET A 503 -14.22 7.14 -21.11
N GLY A 504 -15.54 7.28 -21.20
CA GLY A 504 -16.36 6.60 -22.22
C GLY A 504 -15.90 6.93 -23.62
N GLU A 505 -16.29 6.11 -24.60
CA GLU A 505 -15.95 6.29 -26.03
C GLU A 505 -16.21 7.74 -26.46
N GLY A 506 -15.20 8.39 -27.04
CA GLY A 506 -15.27 9.76 -27.61
C GLY A 506 -15.05 10.86 -26.59
N LYS A 507 -15.06 10.55 -25.29
CA LYS A 507 -14.98 11.56 -24.21
C LYS A 507 -13.52 11.80 -23.82
N TYR A 508 -13.16 13.06 -23.60
CA TYR A 508 -11.85 13.44 -23.05
C TYR A 508 -11.99 14.74 -22.27
N PRO A 509 -11.00 15.04 -21.40
CA PRO A 509 -11.06 16.25 -20.57
C PRO A 509 -11.34 17.50 -21.41
N HIS A 510 -12.30 18.31 -20.98
CA HIS A 510 -12.69 19.60 -21.63
C HIS A 510 -12.66 20.77 -20.66
N ASP A 511 -13.03 20.58 -19.39
CA ASP A 511 -13.24 21.70 -18.44
C ASP A 511 -12.74 21.27 -17.07
N ILE A 512 -12.21 22.21 -16.29
CA ILE A 512 -11.76 21.96 -14.90
C ILE A 512 -12.55 22.89 -13.98
N GLN A 513 -13.05 22.36 -12.87
CA GLN A 513 -13.73 23.15 -11.82
C GLN A 513 -13.00 22.90 -10.50
N ILE A 514 -12.94 23.92 -9.64
CA ILE A 514 -12.52 23.77 -8.23
C ILE A 514 -13.71 24.20 -7.37
N VAL A 515 -14.23 23.28 -6.56
CA VAL A 515 -15.50 23.47 -5.81
C VAL A 515 -15.31 23.03 -4.35
N THR A 516 -16.17 23.54 -3.49
CA THR A 516 -16.29 23.17 -2.06
C THR A 516 -17.76 23.34 -1.67
N ASP A 517 -18.20 22.69 -0.59
CA ASP A 517 -19.59 22.84 -0.10
C ASP A 517 -19.62 23.81 1.11
N THR A 518 -18.47 24.33 1.57
CA THR A 518 -18.43 25.23 2.74
C THR A 518 -19.09 26.57 2.38
N GLU A 519 -19.95 27.10 3.25
CA GLU A 519 -20.66 28.39 3.03
C GLU A 519 -19.69 29.55 3.30
N GLU A 520 -18.86 29.43 4.32
CA GLU A 520 -17.74 30.38 4.60
C GLU A 520 -16.43 29.74 4.13
N PRO A 521 -15.35 30.53 3.94
CA PRO A 521 -14.09 30.00 3.40
C PRO A 521 -13.29 29.16 4.42
N LEU A 522 -13.09 27.89 4.09
CA LEU A 522 -12.16 26.98 4.81
C LEU A 522 -10.81 26.98 4.08
N PHE A 523 -10.81 27.19 2.77
CA PHE A 523 -9.58 27.16 1.93
C PHE A 523 -9.42 28.51 1.22
N GLU A 524 -8.23 29.09 1.33
CA GLU A 524 -7.82 30.24 0.51
C GLU A 524 -6.84 29.72 -0.55
N LEU A 525 -7.18 29.89 -1.82
CA LEU A 525 -6.29 29.58 -2.97
C LEU A 525 -5.41 30.82 -3.20
N GLU A 526 -4.20 30.79 -2.64
CA GLU A 526 -3.23 31.90 -2.74
C GLU A 526 -2.91 32.15 -4.22
N SER A 527 -2.76 31.07 -4.98
CA SER A 527 -2.42 31.09 -6.42
C SER A 527 -3.08 29.89 -7.11
N VAL A 528 -3.76 30.15 -8.23
CA VAL A 528 -4.43 29.13 -9.09
C VAL A 528 -4.05 29.46 -10.53
N ILE A 529 -3.38 28.54 -11.22
CA ILE A 529 -3.10 28.65 -12.67
C ILE A 529 -3.55 27.34 -13.31
N ILE A 530 -4.57 27.42 -14.15
CA ILE A 530 -5.09 26.27 -14.95
C ILE A 530 -4.85 26.60 -16.42
N ARG A 531 -4.11 25.75 -17.14
CA ARG A 531 -3.76 26.01 -18.56
C ARG A 531 -4.26 24.86 -19.44
N GLU A 532 -4.76 25.21 -20.61
CA GLU A 532 -4.98 24.28 -21.74
C GLU A 532 -3.70 24.33 -22.59
N LEU A 533 -3.08 23.17 -22.79
CA LEU A 533 -1.76 23.06 -23.43
C LEU A 533 -1.88 22.30 -24.74
N ASN A 534 -0.86 22.43 -25.58
CA ASN A 534 -0.76 21.71 -26.87
C ASN A 534 0.72 21.49 -27.17
N LYS A 535 1.02 20.55 -28.06
CA LYS A 535 2.34 20.40 -28.71
C LYS A 535 2.59 21.55 -29.68
N SER B 24 -23.78 13.25 24.49
CA SER B 24 -24.21 13.81 23.15
C SER B 24 -24.72 12.74 22.18
N ILE B 25 -24.92 11.49 22.61
CA ILE B 25 -25.38 10.37 21.72
C ILE B 25 -26.91 10.41 21.62
N ASP B 26 -27.44 10.29 20.39
CA ASP B 26 -28.89 10.18 20.09
C ASP B 26 -29.31 8.70 20.20
N LEU B 27 -29.85 8.29 21.35
CA LEU B 27 -30.30 6.90 21.62
C LEU B 27 -31.62 6.60 20.89
N SER B 28 -32.22 7.58 20.20
CA SER B 28 -33.51 7.43 19.45
C SER B 28 -33.28 6.69 18.13
N VAL B 29 -32.06 6.74 17.57
CA VAL B 29 -31.72 6.04 16.29
C VAL B 29 -30.77 4.88 16.59
N ASP B 30 -31.19 3.65 16.29
CA ASP B 30 -30.40 2.43 16.60
C ASP B 30 -30.30 1.59 15.33
N THR B 31 -29.09 1.42 14.79
CA THR B 31 -28.80 0.68 13.54
C THR B 31 -28.51 -0.79 13.82
N SER B 32 -28.52 -1.22 15.10
CA SER B 32 -28.04 -2.55 15.56
C SER B 32 -28.66 -3.67 14.73
N GLU B 33 -29.97 -3.62 14.50
CA GLU B 33 -30.72 -4.72 13.85
C GLU B 33 -30.09 -5.09 12.50
N TYR B 34 -29.52 -4.12 11.77
CA TYR B 34 -28.94 -4.45 10.44
C TYR B 34 -27.42 -4.32 10.41
N ASN B 35 -26.74 -3.61 11.31
CA ASN B 35 -25.26 -3.49 11.14
C ASN B 35 -24.47 -3.59 12.45
N ARG B 36 -25.05 -4.11 13.55
CA ARG B 36 -24.21 -4.43 14.74
C ARG B 36 -23.76 -5.88 14.63
N PRO B 37 -22.42 -6.13 14.60
CA PRO B 37 -21.91 -7.49 14.58
C PRO B 37 -22.42 -8.35 15.75
N LEU B 38 -22.62 -9.64 15.49
CA LEU B 38 -23.03 -10.64 16.50
C LEU B 38 -21.84 -11.13 17.33
N ILE B 39 -20.68 -11.39 16.74
CA ILE B 39 -19.56 -12.09 17.48
C ILE B 39 -18.28 -11.26 17.47
N HIS B 40 -18.31 -10.03 16.97
CA HIS B 40 -17.22 -9.04 17.14
C HIS B 40 -17.64 -8.10 18.27
N PHE B 41 -16.78 -7.90 19.27
CA PHE B 41 -17.09 -7.02 20.41
C PHE B 41 -17.38 -5.60 19.91
N THR B 42 -18.52 -5.05 20.35
CA THR B 42 -18.84 -3.61 20.24
C THR B 42 -19.33 -3.11 21.60
N PRO B 43 -19.01 -1.85 21.98
CA PRO B 43 -19.59 -1.26 23.18
C PRO B 43 -21.07 -1.05 22.90
N GLU B 44 -21.90 -1.18 23.93
CA GLU B 44 -23.36 -0.96 23.76
C GLU B 44 -23.58 0.46 23.24
N LYS B 45 -22.86 1.45 23.76
CA LYS B 45 -22.94 2.82 23.19
C LYS B 45 -21.61 3.53 23.32
N GLY B 46 -21.44 4.56 22.48
CA GLY B 46 -20.26 5.43 22.49
C GLY B 46 -19.18 4.94 21.54
N TRP B 47 -17.97 5.41 21.78
CA TRP B 47 -16.84 5.30 20.82
C TRP B 47 -15.83 4.33 21.39
N MET B 48 -15.37 3.39 20.57
CA MET B 48 -14.23 2.51 20.93
C MET B 48 -13.12 2.67 19.88
N ASN B 49 -11.86 2.70 20.31
CA ASN B 49 -10.71 2.52 19.38
C ASN B 49 -9.82 1.40 19.94
N ALA B 50 -8.52 1.60 20.09
CA ALA B 50 -7.53 0.53 20.32
C ALA B 50 -7.96 -0.40 21.45
N PRO B 51 -7.77 -1.74 21.28
CA PRO B 51 -7.93 -2.69 22.38
C PRO B 51 -6.73 -2.52 23.33
N ASN B 52 -6.97 -2.77 24.61
CA ASN B 52 -5.99 -2.52 25.69
C ASN B 52 -6.08 -3.63 26.71
N GLY B 53 -5.01 -3.80 27.49
CA GLY B 53 -4.99 -4.64 28.70
C GLY B 53 -5.43 -6.07 28.45
N LEU B 54 -5.22 -6.62 27.25
CA LEU B 54 -5.70 -7.98 26.90
C LEU B 54 -5.00 -9.01 27.79
N PHE B 55 -5.77 -9.84 28.49
CA PHE B 55 -5.17 -10.90 29.33
C PHE B 55 -6.23 -11.96 29.62
N TYR B 56 -5.71 -13.13 29.97
CA TYR B 56 -6.48 -14.30 30.43
C TYR B 56 -6.28 -14.46 31.96
N ASP B 57 -7.39 -14.57 32.67
CA ASP B 57 -7.43 -14.91 34.12
C ASP B 57 -7.54 -16.43 34.21
N LYS B 58 -6.44 -17.10 34.58
CA LYS B 58 -6.37 -18.59 34.65
C LYS B 58 -7.22 -19.11 35.81
N THR B 59 -7.44 -18.32 36.86
CA THR B 59 -8.26 -18.70 38.03
C THR B 59 -9.76 -18.62 37.65
N ALA B 60 -10.20 -17.49 37.10
CA ALA B 60 -11.62 -17.27 36.72
C ALA B 60 -11.93 -17.92 35.36
N LYS B 61 -10.91 -18.35 34.60
CA LYS B 61 -11.05 -18.89 33.23
C LYS B 61 -11.79 -17.87 32.35
N LEU B 62 -11.30 -16.63 32.38
CA LEU B 62 -11.98 -15.47 31.78
C LEU B 62 -10.96 -14.68 30.91
N TRP B 63 -11.35 -14.40 29.67
CA TRP B 63 -10.66 -13.43 28.78
C TRP B 63 -11.12 -12.02 29.14
N HIS B 64 -10.16 -11.09 29.26
CA HIS B 64 -10.44 -9.66 29.51
C HIS B 64 -10.05 -8.84 28.29
N LEU B 65 -10.97 -7.99 27.86
CA LEU B 65 -10.77 -6.99 26.80
C LEU B 65 -10.98 -5.63 27.44
N TYR B 66 -9.98 -4.75 27.39
CA TYR B 66 -10.19 -3.33 27.70
C TYR B 66 -10.04 -2.59 26.37
N PHE B 67 -10.45 -1.32 26.34
CA PHE B 67 -10.44 -0.55 25.08
C PHE B 67 -10.53 0.93 25.37
N GLN B 68 -9.90 1.71 24.50
CA GLN B 68 -10.01 3.18 24.42
C GLN B 68 -11.50 3.49 24.23
N TYR B 69 -12.08 4.25 25.14
CA TYR B 69 -13.55 4.37 25.28
C TYR B 69 -13.91 5.82 25.58
N ASN B 70 -14.76 6.38 24.73
CA ASN B 70 -15.47 7.65 24.99
C ASN B 70 -16.96 7.33 25.07
N PRO B 71 -17.53 7.24 26.31
CA PRO B 71 -18.94 6.94 26.47
C PRO B 71 -19.89 8.09 26.10
N ASN B 72 -19.36 9.30 25.87
CA ASN B 72 -20.18 10.55 25.77
C ASN B 72 -20.45 10.91 24.32
N ALA B 73 -19.89 10.18 23.36
CA ALA B 73 -20.06 10.44 21.91
C ALA B 73 -19.66 9.20 21.10
N THR B 74 -20.06 9.18 19.82
CA THR B 74 -19.62 8.18 18.82
C THR B 74 -18.46 8.77 18.01
N ALA B 75 -17.55 9.47 18.70
CA ALA B 75 -16.28 9.98 18.15
C ALA B 75 -15.28 10.01 19.30
N TRP B 76 -14.01 10.06 18.96
CA TRP B 76 -12.92 10.15 19.96
C TRP B 76 -13.06 11.47 20.69
N GLY B 77 -12.83 11.48 22.00
CA GLY B 77 -12.78 12.70 22.81
C GLY B 77 -12.30 12.38 24.21
N GLN B 78 -11.87 13.42 24.93
CA GLN B 78 -11.50 13.30 26.36
C GLN B 78 -12.63 13.91 27.18
N PRO B 79 -12.93 13.39 28.40
CA PRO B 79 -12.11 12.35 29.02
C PRO B 79 -12.21 10.99 28.31
N LEU B 80 -11.07 10.32 28.20
CA LEU B 80 -10.98 8.99 27.56
C LEU B 80 -10.62 7.96 28.62
N TYR B 81 -11.31 6.83 28.57
CA TYR B 81 -11.32 5.77 29.60
C TYR B 81 -10.83 4.45 28.99
N TRP B 82 -10.44 3.51 29.86
CA TRP B 82 -10.46 2.06 29.55
C TRP B 82 -11.85 1.51 29.84
N GLY B 83 -12.61 1.19 28.79
CA GLY B 83 -13.77 0.31 28.89
C GLY B 83 -13.33 -1.11 29.16
N HIS B 84 -14.26 -1.99 29.53
CA HIS B 84 -13.92 -3.36 29.95
C HIS B 84 -15.02 -4.34 29.57
N ALA B 85 -14.63 -5.50 29.06
CA ALA B 85 -15.54 -6.63 28.78
C ALA B 85 -14.82 -7.92 29.07
N THR B 86 -15.57 -8.97 29.42
CA THR B 86 -15.02 -10.32 29.63
C THR B 86 -15.79 -11.34 28.78
N SER B 87 -15.13 -12.44 28.53
CA SER B 87 -15.66 -13.57 27.72
C SER B 87 -15.05 -14.87 28.23
N ASN B 88 -15.84 -15.93 28.21
CA ASN B 88 -15.31 -17.28 28.50
C ASN B 88 -14.79 -17.93 27.21
N ASP B 89 -15.08 -17.39 26.01
CA ASP B 89 -14.83 -18.11 24.74
C ASP B 89 -14.33 -17.22 23.60
N LEU B 90 -14.12 -15.91 23.82
CA LEU B 90 -13.62 -14.91 22.82
C LEU B 90 -14.65 -14.61 21.71
N VAL B 91 -15.92 -14.94 21.88
CA VAL B 91 -16.99 -14.49 20.94
C VAL B 91 -18.20 -13.90 21.69
N HIS B 92 -18.58 -14.43 22.85
CA HIS B 92 -19.67 -13.88 23.70
C HIS B 92 -19.09 -12.97 24.77
N TRP B 93 -19.30 -11.66 24.66
CA TRP B 93 -18.70 -10.64 25.56
C TRP B 93 -19.74 -10.07 26.51
N ASP B 94 -19.35 -9.87 27.77
CA ASP B 94 -20.12 -9.19 28.83
C ASP B 94 -19.43 -7.85 29.12
N GLU B 95 -20.11 -6.74 28.82
CA GLU B 95 -19.55 -5.39 29.04
C GLU B 95 -19.72 -5.01 30.51
N HIS B 96 -18.67 -4.44 31.10
CA HIS B 96 -18.61 -4.06 32.52
C HIS B 96 -18.56 -2.55 32.65
N GLU B 97 -18.56 -2.06 33.88
CA GLU B 97 -18.27 -0.65 34.18
C GLU B 97 -16.85 -0.33 33.70
N ILE B 98 -16.64 0.94 33.36
CA ILE B 98 -15.32 1.53 33.04
C ILE B 98 -14.33 1.09 34.10
N ALA B 99 -13.14 0.64 33.68
CA ALA B 99 -12.09 0.10 34.57
C ALA B 99 -11.14 1.21 35.04
N ILE B 100 -10.71 2.08 34.14
CA ILE B 100 -9.73 3.15 34.49
C ILE B 100 -10.19 4.46 33.86
N GLY B 101 -10.11 5.56 34.60
CA GLY B 101 -10.48 6.89 34.11
C GLY B 101 -9.40 7.91 34.43
N PRO B 102 -9.40 9.05 33.71
CA PRO B 102 -8.42 10.11 33.94
C PRO B 102 -8.75 10.97 35.17
N GLU B 103 -7.74 11.69 35.69
CA GLU B 103 -7.90 12.62 36.83
C GLU B 103 -8.78 13.83 36.45
N HIS B 104 -8.65 14.33 35.22
CA HIS B 104 -9.39 15.53 34.76
C HIS B 104 -10.00 15.28 33.37
N ASP B 105 -10.96 16.14 32.99
CA ASP B 105 -11.78 16.01 31.74
C ASP B 105 -10.93 16.26 30.49
N ASN B 106 -9.80 16.97 30.60
CA ASN B 106 -8.91 17.28 29.46
C ASN B 106 -7.73 16.30 29.48
N GLU B 107 -7.95 15.09 30.00
CA GLU B 107 -6.92 14.04 30.11
C GLU B 107 -7.51 12.72 29.63
N GLY B 108 -6.66 11.72 29.43
CA GLY B 108 -7.08 10.42 28.89
C GLY B 108 -6.18 9.32 29.38
N ILE B 109 -6.77 8.17 29.68
CA ILE B 109 -6.06 6.88 29.85
C ILE B 109 -5.91 6.31 28.44
N PHE B 110 -4.75 6.52 27.84
CA PHE B 110 -4.41 6.07 26.47
C PHE B 110 -4.05 4.58 26.55
N SER B 111 -3.58 4.03 25.44
CA SER B 111 -3.40 2.57 25.29
C SER B 111 -2.38 2.04 26.28
N GLY B 112 -2.46 0.75 26.50
CA GLY B 112 -1.53 0.03 27.37
C GLY B 112 -1.92 -1.42 27.45
N SER B 113 -1.32 -2.11 28.39
CA SER B 113 -1.34 -3.58 28.47
C SER B 113 -1.48 -3.97 29.95
N ILE B 114 -1.75 -5.24 30.17
CA ILE B 114 -1.82 -5.83 31.54
C ILE B 114 -0.84 -6.98 31.58
N VAL B 115 -0.20 -7.12 32.74
CA VAL B 115 0.57 -8.33 33.11
C VAL B 115 0.00 -8.85 34.42
N VAL B 116 0.25 -10.12 34.68
CA VAL B 116 0.01 -10.79 35.99
C VAL B 116 1.37 -10.93 36.68
N ASP B 117 1.50 -10.25 37.80
CA ASP B 117 2.72 -10.21 38.63
C ASP B 117 2.66 -11.37 39.64
N HIS B 118 2.73 -12.60 39.18
CA HIS B 118 2.53 -13.83 40.00
C HIS B 118 3.37 -13.75 41.29
N ASN B 119 4.62 -13.27 41.20
CA ASN B 119 5.61 -13.36 42.29
CA ASN B 119 5.62 -13.36 42.29
C ASN B 119 5.71 -12.02 43.03
N ASN B 120 4.77 -11.11 42.78
CA ASN B 120 4.62 -9.84 43.53
C ASN B 120 5.93 -9.03 43.49
N THR B 121 6.55 -8.92 42.31
CA THR B 121 7.75 -8.07 42.08
C THR B 121 7.39 -6.62 42.34
N SER B 122 6.13 -6.23 42.14
CA SER B 122 5.64 -4.83 42.29
C SER B 122 5.45 -4.45 43.76
N GLY B 123 5.22 -5.43 44.64
CA GLY B 123 4.90 -5.22 46.07
C GLY B 123 3.45 -4.83 46.30
N PHE B 124 2.58 -4.88 45.27
CA PHE B 124 1.18 -4.41 45.40
C PHE B 124 0.27 -5.49 46.01
N PHE B 125 0.72 -6.75 46.06
CA PHE B 125 -0.16 -7.93 46.25
C PHE B 125 0.29 -8.75 47.46
N ASN B 126 -0.64 -9.01 48.36
CA ASN B 126 -0.36 -9.85 49.55
C ASN B 126 -0.95 -11.25 49.30
N SER B 127 -0.85 -12.12 50.31
CA SER B 127 -1.20 -13.57 50.24
C SER B 127 -2.69 -13.76 49.94
N SER B 128 -3.51 -12.73 50.12
CA SER B 128 -4.98 -12.82 49.87
C SER B 128 -5.29 -12.67 48.38
N ILE B 129 -4.32 -12.23 47.54
CA ILE B 129 -4.56 -12.08 46.07
C ILE B 129 -3.97 -13.32 45.38
N ASP B 130 -4.82 -14.12 44.75
CA ASP B 130 -4.40 -15.32 43.97
C ASP B 130 -3.32 -14.87 42.99
N PRO B 131 -2.18 -15.59 42.90
CA PRO B 131 -1.12 -15.24 41.97
C PRO B 131 -1.57 -14.95 40.52
N ASN B 132 -2.53 -15.72 40.01
CA ASN B 132 -3.06 -15.60 38.62
C ASN B 132 -3.88 -14.31 38.46
N GLN B 133 -4.18 -13.61 39.56
CA GLN B 133 -5.05 -12.41 39.57
C GLN B 133 -4.27 -11.20 40.08
N ARG B 134 -2.94 -11.27 40.12
CA ARG B 134 -2.09 -10.11 40.52
C ARG B 134 -1.92 -9.18 39.30
N ILE B 135 -2.98 -8.42 39.02
CA ILE B 135 -3.19 -7.71 37.74
C ILE B 135 -2.62 -6.29 37.84
N VAL B 136 -1.69 -5.96 36.94
CA VAL B 136 -1.10 -4.61 36.81
C VAL B 136 -1.36 -4.11 35.39
N ALA B 137 -1.95 -2.93 35.28
CA ALA B 137 -2.15 -2.19 34.00
C ALA B 137 -0.97 -1.23 33.86
N ILE B 138 -0.36 -1.21 32.68
CA ILE B 138 0.67 -0.20 32.32
C ILE B 138 0.13 0.55 31.11
N TYR B 139 -0.02 1.85 31.23
CA TYR B 139 -0.78 2.66 30.25
C TYR B 139 -0.13 4.02 30.12
N THR B 140 -0.43 4.67 29.01
CA THR B 140 -0.04 6.08 28.76
C THR B 140 -1.08 6.98 29.39
N ASN B 141 -0.63 7.88 30.26
CA ASN B 141 -1.45 8.98 30.81
C ASN B 141 -1.25 10.19 29.90
N ASN B 142 -2.31 10.60 29.22
CA ASN B 142 -2.29 11.76 28.31
C ASN B 142 -2.84 12.97 29.05
N ILE B 143 -2.01 13.99 29.25
CA ILE B 143 -2.44 15.31 29.78
C ILE B 143 -1.99 16.35 28.77
N PRO B 144 -2.45 17.61 28.85
CA PRO B 144 -1.99 18.65 27.93
C PRO B 144 -0.45 18.70 27.90
N ASP B 145 0.12 18.51 26.71
CA ASP B 145 1.57 18.67 26.43
C ASP B 145 2.43 17.60 27.11
N ASN B 146 1.85 16.50 27.60
CA ASN B 146 2.67 15.45 28.27
C ASN B 146 2.03 14.06 28.09
N GLN B 147 2.83 13.09 27.66
CA GLN B 147 2.48 11.65 27.68
C GLN B 147 3.52 10.93 28.53
N THR B 148 3.06 10.20 29.56
CA THR B 148 3.92 9.41 30.47
C THR B 148 3.37 7.99 30.55
N GLN B 149 4.21 7.06 30.97
CA GLN B 149 3.83 5.66 31.27
C GLN B 149 3.55 5.58 32.78
N ASP B 150 2.38 5.07 33.11
CA ASP B 150 1.81 4.99 34.48
C ASP B 150 1.37 3.56 34.74
N ILE B 151 1.28 3.17 36.01
CA ILE B 151 0.77 1.83 36.35
C ILE B 151 -0.37 1.94 37.37
N ALA B 152 -1.19 0.89 37.42
CA ALA B 152 -2.36 0.75 38.30
C ALA B 152 -2.54 -0.73 38.58
N PHE B 153 -3.04 -1.09 39.76
CA PHE B 153 -3.17 -2.52 40.14
C PHE B 153 -4.62 -2.78 40.51
N SER B 154 -5.08 -4.01 40.26
CA SER B 154 -6.44 -4.46 40.58
C SER B 154 -6.37 -5.55 41.65
N LEU B 155 -7.19 -5.41 42.68
CA LEU B 155 -7.31 -6.40 43.76
C LEU B 155 -8.64 -7.14 43.64
N ASP B 156 -9.37 -7.00 42.53
CA ASP B 156 -10.70 -7.65 42.38
C ASP B 156 -10.81 -8.37 41.03
N GLY B 157 -9.68 -8.78 40.43
CA GLY B 157 -9.68 -9.58 39.20
C GLY B 157 -9.82 -8.75 37.93
N GLY B 158 -9.54 -7.45 37.99
CA GLY B 158 -9.39 -6.55 36.83
C GLY B 158 -10.61 -5.66 36.58
N TYR B 159 -11.50 -5.51 37.55
CA TYR B 159 -12.74 -4.70 37.38
C TYR B 159 -12.50 -3.26 37.86
N THR B 160 -11.76 -3.09 38.95
CA THR B 160 -11.40 -1.76 39.50
C THR B 160 -9.88 -1.72 39.69
N PHE B 161 -9.31 -0.54 39.55
CA PHE B 161 -7.85 -0.31 39.60
C PHE B 161 -7.56 0.81 40.59
N THR B 162 -6.40 0.71 41.23
CA THR B 162 -5.78 1.79 42.02
C THR B 162 -4.50 2.24 41.32
N LYS B 163 -4.36 3.53 41.06
CA LYS B 163 -3.16 4.11 40.39
C LYS B 163 -2.02 4.14 41.40
N TYR B 164 -0.82 3.80 40.95
CA TYR B 164 0.41 3.83 41.77
C TYR B 164 0.64 5.26 42.22
N GLU B 165 0.89 5.45 43.52
CA GLU B 165 1.02 6.79 44.16
C GLU B 165 2.21 7.54 43.55
N ASN B 166 3.25 6.87 43.06
CA ASN B 166 4.45 7.55 42.52
C ASN B 166 4.46 7.53 40.97
N ASN B 167 3.28 7.43 40.31
CA ASN B 167 3.18 7.66 38.85
C ASN B 167 3.65 9.08 38.55
N PRO B 168 4.28 9.35 37.39
CA PRO B 168 4.54 8.34 36.36
C PRO B 168 5.75 7.45 36.64
N VAL B 169 5.79 6.26 36.04
CA VAL B 169 6.94 5.33 36.15
C VAL B 169 7.97 5.66 35.06
N ILE B 170 7.56 6.23 33.94
CA ILE B 170 8.49 6.76 32.90
C ILE B 170 7.96 8.10 32.40
N ASP B 171 8.80 9.12 32.50
CA ASP B 171 8.57 10.47 31.92
C ASP B 171 9.86 10.91 31.23
N VAL B 172 9.81 11.16 29.91
CA VAL B 172 10.99 11.64 29.12
C VAL B 172 10.70 13.06 28.61
N SER B 173 9.77 13.79 29.23
CA SER B 173 9.38 15.18 28.86
C SER B 173 8.91 15.26 27.41
N SER B 174 8.05 14.33 26.99
CA SER B 174 7.53 14.27 25.60
C SER B 174 6.00 14.25 25.62
N ASN B 175 5.39 14.79 24.57
CA ASN B 175 3.93 14.64 24.31
C ASN B 175 3.69 13.64 23.19
N GLN B 176 4.71 12.86 22.79
CA GLN B 176 4.60 11.83 21.72
C GLN B 176 5.33 10.57 22.20
N PHE B 177 4.76 9.92 23.22
CA PHE B 177 5.45 8.83 23.95
C PHE B 177 4.38 7.92 24.55
N ARG B 178 4.02 6.84 23.86
CA ARG B 178 2.78 6.13 24.21
C ARG B 178 2.75 4.67 23.76
N ASP B 179 1.83 3.93 24.38
CA ASP B 179 1.33 2.58 24.00
C ASP B 179 2.29 1.52 24.51
N PRO B 180 2.44 1.36 25.84
CA PRO B 180 3.35 0.35 26.37
C PRO B 180 2.75 -1.06 26.31
N LYS B 181 3.49 -2.00 25.73
CA LYS B 181 3.16 -3.44 25.82
C LYS B 181 4.23 -4.08 26.70
N VAL B 182 3.80 -4.63 27.84
CA VAL B 182 4.73 -5.16 28.87
C VAL B 182 4.60 -6.68 28.91
N PHE B 183 5.72 -7.37 29.12
CA PHE B 183 5.70 -8.83 29.28
C PHE B 183 6.86 -9.23 30.18
N TRP B 184 6.66 -10.37 30.84
CA TRP B 184 7.71 -11.03 31.63
C TRP B 184 8.63 -11.75 30.66
N HIS B 185 9.92 -11.46 30.71
CA HIS B 185 10.93 -12.15 29.87
C HIS B 185 11.66 -13.16 30.76
N GLU B 186 11.32 -14.44 30.64
CA GLU B 186 11.86 -15.48 31.55
C GLU B 186 13.38 -15.58 31.38
N ASP B 187 13.85 -15.64 30.13
CA ASP B 187 15.30 -15.86 29.81
C ASP B 187 16.13 -14.83 30.58
N SER B 188 15.74 -13.54 30.58
CA SER B 188 16.56 -12.45 31.21
C SER B 188 15.99 -12.08 32.59
N ASN B 189 14.93 -12.77 33.02
CA ASN B 189 14.36 -12.67 34.39
C ASN B 189 14.03 -11.20 34.71
N GLN B 190 13.26 -10.53 33.85
CA GLN B 190 12.84 -9.14 34.08
C GLN B 190 11.58 -8.82 33.27
N TRP B 191 10.95 -7.70 33.61
CA TRP B 191 9.84 -7.11 32.83
C TRP B 191 10.44 -6.40 31.62
N ILE B 192 9.80 -6.51 30.47
CA ILE B 192 10.16 -5.78 29.23
C ILE B 192 8.98 -4.89 28.87
N MET B 193 9.24 -3.62 28.56
CA MET B 193 8.25 -2.71 27.94
C MET B 193 8.71 -2.36 26.53
N VAL B 194 7.85 -2.54 25.53
CA VAL B 194 8.02 -1.88 24.22
C VAL B 194 7.00 -0.74 24.18
N VAL B 195 7.45 0.45 23.79
CA VAL B 195 6.61 1.67 23.80
C VAL B 195 7.08 2.54 22.64
N SER B 196 6.20 3.35 22.08
CA SER B 196 6.54 4.12 20.86
C SER B 196 6.99 5.52 21.27
N LYS B 197 8.14 5.93 20.77
CA LYS B 197 8.51 7.36 20.69
C LYS B 197 8.00 7.79 19.32
N SER B 198 6.70 8.11 19.26
CA SER B 198 5.83 8.01 18.06
C SER B 198 6.41 8.83 16.91
N GLN B 199 6.80 10.08 17.12
CA GLN B 199 7.19 10.96 15.98
C GLN B 199 8.71 10.92 15.78
N GLU B 200 9.45 10.20 16.64
CA GLU B 200 10.89 9.93 16.39
C GLU B 200 11.06 8.64 15.61
N TYR B 201 9.97 7.90 15.32
CA TYR B 201 10.03 6.59 14.62
C TYR B 201 10.96 5.65 15.37
N LYS B 202 10.78 5.53 16.69
CA LYS B 202 11.52 4.55 17.52
C LYS B 202 10.53 3.74 18.35
N ILE B 203 10.69 2.42 18.32
CA ILE B 203 10.18 1.52 19.37
C ILE B 203 11.28 1.47 20.43
N GLN B 204 10.94 1.86 21.65
CA GLN B 204 11.88 1.86 22.79
C GLN B 204 11.62 0.62 23.64
N ILE B 205 12.70 -0.08 23.98
CA ILE B 205 12.67 -1.31 24.80
C ILE B 205 13.26 -0.95 26.16
N PHE B 206 12.43 -1.02 27.20
CA PHE B 206 12.82 -0.75 28.60
C PHE B 206 12.76 -2.06 29.37
N GLY B 207 13.54 -2.14 30.45
CA GLY B 207 13.60 -3.30 31.35
C GLY B 207 13.37 -2.85 32.78
N SER B 208 12.80 -3.74 33.60
CA SER B 208 12.46 -3.42 35.00
C SER B 208 12.40 -4.70 35.82
N ALA B 209 12.87 -4.62 37.07
CA ALA B 209 12.72 -5.70 38.09
C ALA B 209 11.32 -5.68 38.68
N ASN B 210 10.63 -4.53 38.73
CA ASN B 210 9.49 -4.31 39.65
C ASN B 210 8.32 -3.54 39.01
N LEU B 211 8.35 -3.23 37.71
CA LEU B 211 7.31 -2.46 36.97
C LEU B 211 7.29 -0.97 37.36
N LYS B 212 8.17 -0.52 38.27
CA LYS B 212 8.16 0.89 38.75
C LYS B 212 9.41 1.62 38.27
N ASN B 213 10.57 0.96 38.34
CA ASN B 213 11.88 1.56 37.94
C ASN B 213 12.32 0.92 36.63
N TRP B 214 12.41 1.74 35.58
CA TRP B 214 12.68 1.29 34.19
C TRP B 214 14.00 1.89 33.69
N VAL B 215 14.72 1.08 32.92
CA VAL B 215 15.98 1.44 32.21
C VAL B 215 15.75 1.25 30.71
N LEU B 216 16.11 2.25 29.91
CA LEU B 216 16.06 2.14 28.43
C LEU B 216 17.21 1.26 27.95
N ASN B 217 16.91 0.16 27.26
CA ASN B 217 17.90 -0.84 26.82
C ASN B 217 18.23 -0.68 25.33
N SER B 218 17.25 -0.39 24.48
CA SER B 218 17.52 -0.23 23.03
C SER B 218 16.40 0.52 22.32
N ASN B 219 16.71 1.03 21.14
CA ASN B 219 15.72 1.64 20.21
C ASN B 219 15.71 0.82 18.94
N PHE B 220 14.53 0.69 18.34
CA PHE B 220 14.36 -0.06 17.08
C PHE B 220 13.59 0.81 16.10
N SER B 221 14.14 0.98 14.88
CA SER B 221 13.56 1.80 13.79
C SER B 221 13.69 1.06 12.48
N SER B 222 12.57 0.76 11.83
CA SER B 222 12.59 0.01 10.56
C SER B 222 11.23 0.07 9.87
N GLY B 223 11.16 -0.56 8.69
CA GLY B 223 9.90 -0.80 7.97
C GLY B 223 9.34 0.45 7.35
N TYR B 224 8.03 0.52 7.28
CA TYR B 224 7.27 1.63 6.67
C TYR B 224 6.96 2.65 7.77
N TYR B 225 7.56 3.84 7.70
CA TYR B 225 7.49 4.84 8.80
C TYR B 225 6.08 5.47 8.88
N GLY B 226 5.50 5.83 7.74
CA GLY B 226 4.30 6.68 7.69
C GLY B 226 4.52 7.94 8.51
N ASN B 227 3.47 8.42 9.20
CA ASN B 227 3.49 9.69 9.95
C ASN B 227 4.08 9.45 11.35
N GLN B 228 3.78 8.31 11.99
CA GLN B 228 4.24 8.06 13.38
C GLN B 228 4.08 6.58 13.76
N TYR B 229 4.88 6.14 14.71
CA TYR B 229 4.83 4.79 15.31
C TYR B 229 3.81 4.78 16.44
N GLU B 230 3.02 3.72 16.54
CA GLU B 230 2.07 3.50 17.67
C GLU B 230 2.00 2.02 18.04
N CYS B 231 1.40 1.72 19.19
CA CYS B 231 1.00 0.36 19.64
C CYS B 231 2.01 -0.69 19.20
N PRO B 232 3.28 -0.63 19.66
CA PRO B 232 4.23 -1.71 19.39
C PRO B 232 3.90 -2.96 20.22
N GLY B 233 4.37 -4.11 19.77
CA GLY B 233 4.27 -5.37 20.49
C GLY B 233 5.51 -6.20 20.21
N LEU B 234 5.87 -7.09 21.12
CA LEU B 234 7.06 -7.97 20.94
C LEU B 234 6.73 -9.28 21.66
N ILE B 235 6.73 -10.38 20.93
CA ILE B 235 6.25 -11.67 21.48
C ILE B 235 6.89 -12.84 20.74
N GLU B 236 7.07 -13.94 21.45
CA GLU B 236 7.65 -15.18 20.90
C GLU B 236 6.53 -15.95 20.20
N VAL B 237 6.68 -16.19 18.90
CA VAL B 237 5.66 -16.86 18.06
C VAL B 237 6.22 -18.23 17.65
N PRO B 238 5.44 -19.31 17.82
CA PRO B 238 5.90 -20.63 17.40
C PRO B 238 5.92 -20.80 15.88
N ILE B 239 6.93 -21.53 15.41
CA ILE B 239 7.02 -22.05 14.01
C ILE B 239 6.23 -23.37 13.95
N GLU B 240 5.36 -23.49 12.96
CA GLU B 240 4.49 -24.67 12.77
C GLU B 240 5.36 -25.92 12.59
N ASN B 241 4.88 -27.06 13.09
CA ASN B 241 5.51 -28.40 12.88
C ASN B 241 6.96 -28.35 13.36
N SER B 242 7.23 -27.68 14.48
CA SER B 242 8.58 -27.61 15.07
C SER B 242 8.48 -27.20 16.54
N ASP B 243 9.58 -27.31 17.28
CA ASP B 243 9.68 -26.79 18.67
C ASP B 243 10.43 -25.46 18.61
N LYS B 244 10.65 -24.91 17.42
CA LYS B 244 11.38 -23.62 17.25
C LYS B 244 10.38 -22.46 17.33
N SER B 245 10.89 -21.27 17.56
CA SER B 245 10.09 -20.03 17.61
C SER B 245 10.94 -18.87 17.11
N LYS B 246 10.30 -17.74 16.82
CA LYS B 246 10.99 -16.46 16.55
C LYS B 246 10.32 -15.39 17.41
N TRP B 247 11.04 -14.31 17.68
CA TRP B 247 10.46 -13.07 18.22
C TRP B 247 9.85 -12.28 17.07
N VAL B 248 8.61 -11.82 17.24
CA VAL B 248 7.92 -10.95 16.26
C VAL B 248 7.66 -9.59 16.93
N MET B 249 8.19 -8.54 16.31
CA MET B 249 7.93 -7.15 16.71
C MET B 249 6.76 -6.67 15.85
N PHE B 250 5.68 -6.24 16.49
CA PHE B 250 4.49 -5.63 15.86
C PHE B 250 4.60 -4.11 16.01
N LEU B 251 4.07 -3.39 15.04
CA LEU B 251 4.13 -1.92 14.99
C LEU B 251 2.95 -1.39 14.19
N ALA B 252 2.24 -0.43 14.77
CA ALA B 252 1.11 0.25 14.12
C ALA B 252 1.62 1.59 13.59
N ILE B 253 1.22 1.98 12.39
CA ILE B 253 1.52 3.33 11.86
C ILE B 253 0.22 3.99 11.41
N ASN B 254 0.13 5.28 11.63
CA ASN B 254 -1.05 6.07 11.25
C ASN B 254 -0.76 7.55 11.42
N PRO B 255 -1.19 8.41 10.49
CA PRO B 255 -1.56 8.01 9.13
C PRO B 255 -0.33 7.62 8.28
N GLY B 256 -0.50 7.52 6.97
CA GLY B 256 0.61 7.24 6.03
C GLY B 256 0.73 5.76 5.67
N SER B 257 -0.23 4.91 6.04
CA SER B 257 -0.29 3.52 5.50
C SER B 257 -0.23 3.59 3.98
N PRO B 258 0.45 2.65 3.30
CA PRO B 258 0.45 2.62 1.84
C PRO B 258 -0.95 2.33 1.28
N LEU B 259 -1.84 1.77 2.11
CA LEU B 259 -3.26 1.53 1.73
C LEU B 259 -4.13 2.72 2.14
N GLY B 260 -3.53 3.75 2.73
CA GLY B 260 -4.26 4.95 3.20
C GLY B 260 -4.69 4.79 4.64
N GLY B 261 -4.24 5.70 5.50
CA GLY B 261 -4.65 5.77 6.92
C GLY B 261 -3.76 4.89 7.78
N SER B 262 -4.40 3.96 8.50
CA SER B 262 -3.82 3.19 9.62
C SER B 262 -3.54 1.75 9.18
N ILE B 263 -2.43 1.19 9.61
CA ILE B 263 -2.10 -0.23 9.29
C ILE B 263 -1.10 -0.77 10.30
N ASN B 264 -1.06 -2.10 10.41
CA ASN B 264 -0.13 -2.84 11.30
C ASN B 264 0.92 -3.55 10.45
N GLN B 265 2.17 -3.52 10.91
CA GLN B 265 3.29 -4.22 10.25
C GLN B 265 4.02 -5.06 11.28
N TYR B 266 4.93 -5.91 10.81
CA TYR B 266 5.66 -6.82 11.71
C TYR B 266 7.07 -7.06 11.19
N PHE B 267 7.90 -7.53 12.09
CA PHE B 267 9.32 -7.88 11.85
C PHE B 267 9.59 -9.19 12.55
N VAL B 268 10.34 -10.10 11.93
CA VAL B 268 10.66 -11.43 12.50
C VAL B 268 12.14 -11.44 12.86
N GLY B 269 12.49 -11.85 14.08
CA GLY B 269 13.91 -11.98 14.44
C GLY B 269 14.10 -12.60 15.79
N ASP B 270 15.05 -12.08 16.56
N ASP B 270 15.06 -12.06 16.54
CA ASP B 270 15.43 -12.66 17.88
CA ASP B 270 15.56 -12.63 17.82
C ASP B 270 15.53 -11.53 18.88
C ASP B 270 15.51 -11.51 18.87
N PHE B 271 15.44 -11.87 20.16
CA PHE B 271 15.41 -10.91 21.27
C PHE B 271 16.15 -11.56 22.43
N ASP B 272 16.98 -10.80 23.12
CA ASP B 272 17.83 -11.32 24.23
C ASP B 272 17.46 -10.64 25.55
N GLY B 273 16.35 -9.89 25.58
CA GLY B 273 15.93 -9.10 26.76
C GLY B 273 16.34 -7.65 26.65
N PHE B 274 17.19 -7.30 25.68
CA PHE B 274 17.79 -5.94 25.58
C PHE B 274 17.61 -5.35 24.17
N GLN B 275 17.84 -6.16 23.15
CA GLN B 275 17.85 -5.72 21.73
C GLN B 275 17.05 -6.69 20.89
N PHE B 276 16.16 -6.16 20.06
CA PHE B 276 15.46 -6.93 19.01
C PHE B 276 16.30 -6.81 17.74
N VAL B 277 16.67 -7.96 17.17
CA VAL B 277 17.49 -8.06 15.93
C VAL B 277 16.67 -8.80 14.89
N PRO B 278 16.18 -8.09 13.86
CA PRO B 278 15.41 -8.75 12.80
C PRO B 278 16.31 -9.66 11.96
N ASP B 279 15.72 -10.71 11.38
CA ASP B 279 16.43 -11.69 10.50
C ASP B 279 16.76 -11.02 9.15
N ASP B 280 16.01 -9.99 8.76
CA ASP B 280 16.14 -9.32 7.44
C ASP B 280 15.64 -7.89 7.63
N SER B 281 15.70 -7.08 6.60
CA SER B 281 15.25 -5.68 6.64
C SER B 281 13.98 -5.50 5.81
N GLN B 282 13.17 -6.55 5.66
CA GLN B 282 11.95 -6.45 4.80
C GLN B 282 10.79 -5.89 5.62
N THR B 283 9.90 -5.21 4.92
CA THR B 283 8.64 -4.65 5.44
C THR B 283 7.50 -5.61 5.08
N ARG B 284 6.65 -5.95 6.05
CA ARG B 284 5.43 -6.77 5.82
C ARG B 284 4.29 -6.28 6.73
N PHE B 285 3.07 -6.31 6.21
CA PHE B 285 1.87 -5.90 6.94
C PHE B 285 1.20 -7.14 7.55
N VAL B 286 0.60 -6.96 8.73
CA VAL B 286 -0.10 -8.04 9.47
C VAL B 286 -1.37 -8.41 8.72
N ASP B 287 -2.09 -7.40 8.24
CA ASP B 287 -3.40 -7.56 7.59
C ASP B 287 -3.45 -6.50 6.48
N ILE B 288 -3.86 -6.87 5.27
CA ILE B 288 -3.80 -5.94 4.12
C ILE B 288 -5.22 -5.56 3.70
N GLY B 289 -6.16 -5.65 4.64
CA GLY B 289 -7.40 -4.89 4.53
C GLY B 289 -7.20 -3.47 5.02
N LYS B 290 -8.24 -2.66 4.96
CA LYS B 290 -8.20 -1.25 5.39
C LYS B 290 -8.37 -1.16 6.91
N ASP B 291 -9.00 -2.16 7.54
CA ASP B 291 -9.64 -1.99 8.86
C ASP B 291 -9.06 -2.99 9.87
N PHE B 292 -7.76 -2.93 10.13
CA PHE B 292 -7.11 -3.78 11.16
C PHE B 292 -5.95 -2.97 11.73
N TYR B 293 -6.14 -2.40 12.92
CA TYR B 293 -5.18 -1.44 13.49
C TYR B 293 -5.05 -1.62 15.00
N ALA B 294 -3.88 -1.25 15.54
CA ALA B 294 -3.63 -1.21 16.99
C ALA B 294 -3.76 -2.63 17.55
N PHE B 295 -3.26 -3.60 16.81
CA PHE B 295 -3.19 -5.02 17.20
C PHE B 295 -2.49 -5.16 18.55
N GLN B 296 -3.06 -5.96 19.43
CA GLN B 296 -2.44 -6.34 20.73
C GLN B 296 -2.64 -7.83 20.96
N THR B 297 -1.68 -8.46 21.63
CA THR B 297 -1.75 -9.88 22.02
C THR B 297 -2.24 -9.98 23.48
N PHE B 298 -2.93 -11.07 23.79
CA PHE B 298 -3.37 -11.44 25.16
C PHE B 298 -2.16 -11.88 25.98
N SER B 299 -2.03 -11.36 27.20
CA SER B 299 -1.09 -11.91 28.22
C SER B 299 -1.67 -13.20 28.81
N GLU B 300 -0.80 -14.09 29.28
CA GLU B 300 -1.15 -15.32 30.05
C GLU B 300 -1.84 -16.35 29.17
N VAL B 301 -1.54 -16.40 27.88
CA VAL B 301 -2.00 -17.51 27.00
C VAL B 301 -1.05 -18.70 27.20
N GLU B 302 -1.60 -19.88 27.50
CA GLU B 302 -0.81 -21.11 27.75
C GLU B 302 -0.17 -21.60 26.45
N HIS B 303 -0.97 -21.75 25.40
CA HIS B 303 -0.56 -22.42 24.14
C HIS B 303 -0.66 -21.41 22.99
N GLY B 304 0.51 -20.97 22.53
CA GLY B 304 0.63 -20.14 21.33
C GLY B 304 0.38 -18.66 21.63
N VAL B 305 -0.03 -17.93 20.61
CA VAL B 305 -0.15 -16.45 20.64
C VAL B 305 -1.52 -16.09 20.09
N LEU B 306 -2.31 -15.36 20.89
CA LEU B 306 -3.66 -14.89 20.47
C LEU B 306 -3.67 -13.37 20.54
N GLY B 307 -4.40 -12.74 19.63
CA GLY B 307 -4.48 -11.27 19.60
C GLY B 307 -5.69 -10.81 18.83
N LEU B 308 -5.97 -9.52 18.92
CA LEU B 308 -7.02 -8.91 18.10
C LEU B 308 -6.69 -7.44 17.92
N ALA B 309 -7.46 -6.78 17.07
CA ALA B 309 -7.20 -5.41 16.64
C ALA B 309 -8.52 -4.64 16.67
N TRP B 310 -8.38 -3.33 16.56
CA TRP B 310 -9.49 -2.41 16.24
C TRP B 310 -9.83 -2.52 14.76
N ALA B 311 -11.10 -2.82 14.43
CA ALA B 311 -11.51 -3.16 13.06
C ALA B 311 -12.06 -1.92 12.34
N SER B 312 -11.23 -0.89 12.26
CA SER B 312 -11.55 0.31 11.45
C SER B 312 -10.25 1.00 11.05
N ASN B 313 -10.42 2.16 10.45
CA ASN B 313 -9.33 2.97 9.85
C ASN B 313 -9.58 4.40 10.30
N TRP B 314 -8.56 5.05 10.83
CA TRP B 314 -8.66 6.45 11.34
C TRP B 314 -9.17 7.41 10.27
N GLN B 315 -9.02 7.10 8.98
CA GLN B 315 -9.47 8.03 7.91
C GLN B 315 -10.97 8.28 8.02
N TYR B 316 -11.77 7.27 8.39
CA TYR B 316 -13.25 7.36 8.36
C TYR B 316 -13.93 6.71 9.57
N ALA B 317 -13.19 6.18 10.55
CA ALA B 317 -13.76 5.42 11.68
C ALA B 317 -14.90 6.19 12.36
N ASP B 318 -14.76 7.51 12.54
CA ASP B 318 -15.74 8.30 13.33
C ASP B 318 -16.90 8.82 12.45
N GLN B 319 -17.00 8.37 11.20
CA GLN B 319 -18.04 8.87 10.27
C GLN B 319 -18.96 7.75 9.78
N VAL B 320 -18.67 6.49 10.09
CA VAL B 320 -19.40 5.34 9.50
C VAL B 320 -20.82 5.33 10.09
N PRO B 321 -21.83 4.89 9.31
CA PRO B 321 -23.23 5.02 9.73
C PRO B 321 -23.69 3.91 10.69
N THR B 322 -23.07 3.88 11.86
CA THR B 322 -23.54 3.07 13.01
C THR B 322 -23.93 4.03 14.14
N ASN B 323 -24.92 3.60 14.93
CA ASN B 323 -25.43 4.37 16.09
C ASN B 323 -26.22 3.39 16.94
N PRO B 324 -26.14 3.42 18.30
CA PRO B 324 -25.43 4.46 19.07
C PRO B 324 -24.00 4.15 19.50
N TRP B 325 -23.29 3.30 18.75
CA TRP B 325 -21.87 2.96 18.98
C TRP B 325 -21.11 3.21 17.69
N ARG B 326 -19.77 3.32 17.77
CA ARG B 326 -18.89 3.14 16.58
C ARG B 326 -17.74 2.23 16.97
N SER B 327 -17.44 1.29 16.07
CA SER B 327 -16.25 0.41 16.05
C SER B 327 -16.58 -0.96 16.66
N SER B 328 -15.99 -1.99 16.08
CA SER B 328 -15.83 -3.32 16.71
C SER B 328 -14.34 -3.65 16.75
N THR B 329 -14.01 -4.70 17.48
CA THR B 329 -12.72 -5.40 17.36
C THR B 329 -12.80 -6.33 16.15
N SER B 330 -11.65 -6.85 15.72
CA SER B 330 -11.56 -8.05 14.86
C SER B 330 -11.99 -9.26 15.69
N LEU B 331 -12.13 -10.42 15.05
CA LEU B 331 -12.10 -11.70 15.79
C LEU B 331 -10.75 -11.82 16.49
N ALA B 332 -10.69 -12.63 17.54
CA ALA B 332 -9.41 -13.11 18.10
C ALA B 332 -8.79 -14.01 17.04
N ARG B 333 -7.48 -13.92 16.88
CA ARG B 333 -6.73 -14.74 15.91
C ARG B 333 -5.56 -15.42 16.60
N ASN B 334 -5.21 -16.58 16.05
CA ASN B 334 -4.15 -17.48 16.54
C ASN B 334 -2.98 -17.31 15.59
N TYR B 335 -1.83 -16.91 16.11
CA TYR B 335 -0.64 -16.48 15.33
C TYR B 335 0.44 -17.56 15.38
N THR B 336 0.91 -17.94 14.21
CA THR B 336 2.05 -18.88 14.03
C THR B 336 2.96 -18.35 12.92
N LEU B 337 4.11 -18.98 12.75
CA LEU B 337 5.05 -18.75 11.62
C LEU B 337 5.14 -20.01 10.79
N ARG B 338 5.16 -19.85 9.46
CA ARG B 338 5.21 -20.97 8.49
C ARG B 338 6.12 -20.54 7.34
N TYR B 339 6.93 -21.46 6.82
CA TYR B 339 7.67 -21.23 5.54
C TYR B 339 6.67 -21.36 4.41
N VAL B 340 6.46 -20.27 3.66
CA VAL B 340 5.53 -20.29 2.52
C VAL B 340 6.27 -19.73 1.30
N HIS B 341 5.90 -20.22 0.13
CA HIS B 341 6.36 -19.67 -1.17
C HIS B 341 5.77 -18.26 -1.34
N THR B 342 6.64 -17.27 -1.46
CA THR B 342 6.25 -15.88 -1.82
C THR B 342 6.45 -15.71 -3.34
N ASN B 343 7.26 -16.60 -3.95
CA ASN B 343 7.31 -16.81 -5.42
C ASN B 343 7.57 -18.30 -5.67
N ALA B 344 7.67 -18.72 -6.94
CA ALA B 344 7.83 -20.16 -7.32
C ALA B 344 9.13 -20.74 -6.75
N GLU B 345 10.18 -19.93 -6.60
CA GLU B 345 11.53 -20.41 -6.20
C GLU B 345 11.72 -20.35 -4.68
N THR B 346 11.15 -19.34 -4.00
CA THR B 346 11.66 -18.90 -2.67
C THR B 346 10.56 -18.99 -1.60
N LYS B 347 10.91 -19.59 -0.47
CA LYS B 347 10.07 -19.63 0.75
C LYS B 347 10.59 -18.56 1.72
N GLN B 348 9.67 -17.91 2.41
CA GLN B 348 9.96 -16.94 3.49
C GLN B 348 9.22 -17.41 4.75
N LEU B 349 9.85 -17.29 5.92
CA LEU B 349 9.16 -17.51 7.21
C LEU B 349 8.15 -16.37 7.38
N THR B 350 6.86 -16.70 7.37
CA THR B 350 5.76 -15.70 7.21
C THR B 350 4.80 -15.82 8.40
N LEU B 351 4.25 -14.70 8.84
CA LEU B 351 3.22 -14.66 9.90
C LEU B 351 1.92 -15.24 9.35
N ILE B 352 1.39 -16.24 10.05
CA ILE B 352 0.11 -16.93 9.75
C ILE B 352 -0.89 -16.54 10.84
N GLN B 353 -2.14 -16.34 10.46
CA GLN B 353 -3.19 -16.06 11.45
C GLN B 353 -4.46 -16.74 10.99
N ASN B 354 -5.15 -17.37 11.94
CA ASN B 354 -6.44 -18.06 11.70
C ASN B 354 -7.40 -17.63 12.81
N PRO B 355 -8.70 -17.48 12.48
CA PRO B 355 -9.67 -16.93 13.42
C PRO B 355 -9.96 -17.94 14.55
N VAL B 356 -10.19 -17.43 15.75
CA VAL B 356 -10.64 -18.23 16.92
C VAL B 356 -12.18 -18.25 16.87
N LEU B 357 -12.74 -19.42 16.57
CA LEU B 357 -14.20 -19.61 16.35
C LEU B 357 -14.63 -20.87 17.07
N PRO B 358 -14.97 -20.78 18.37
CA PRO B 358 -15.21 -21.97 19.19
C PRO B 358 -16.58 -22.64 18.95
N ASP B 359 -16.79 -23.78 19.61
CA ASP B 359 -17.99 -24.64 19.42
C ASP B 359 -19.24 -24.00 20.04
N SER B 360 -19.10 -22.88 20.76
CA SER B 360 -20.23 -22.10 21.29
C SER B 360 -20.90 -21.28 20.16
N ILE B 361 -20.30 -21.20 18.97
CA ILE B 361 -21.00 -20.66 17.78
C ILE B 361 -21.91 -21.76 17.20
N ASN B 362 -23.18 -21.44 17.02
CA ASN B 362 -24.22 -22.36 16.51
C ASN B 362 -24.25 -22.28 14.99
N VAL B 363 -24.34 -23.42 14.32
CA VAL B 363 -24.60 -23.50 12.85
C VAL B 363 -26.11 -23.61 12.64
N VAL B 364 -26.72 -22.56 12.10
CA VAL B 364 -28.19 -22.50 11.83
C VAL B 364 -28.50 -23.35 10.61
N ASP B 365 -27.69 -23.21 9.55
CA ASP B 365 -27.93 -23.90 8.24
C ASP B 365 -26.60 -23.98 7.49
N LYS B 366 -26.48 -24.91 6.55
CA LYS B 366 -25.23 -25.05 5.77
C LYS B 366 -25.53 -25.60 4.37
N LEU B 367 -24.70 -25.16 3.42
CA LEU B 367 -24.59 -25.70 2.04
C LEU B 367 -23.21 -26.33 1.95
N LYS B 368 -23.15 -27.59 1.51
CA LYS B 368 -21.89 -28.34 1.29
C LYS B 368 -21.89 -28.85 -0.16
N LYS B 369 -20.81 -28.60 -0.89
CA LYS B 369 -20.59 -29.16 -2.25
C LYS B 369 -19.16 -29.67 -2.35
N LYS B 370 -18.92 -30.61 -3.26
CA LYS B 370 -17.53 -31.04 -3.53
C LYS B 370 -17.32 -31.36 -5.01
N ASN B 371 -16.10 -31.11 -5.45
CA ASN B 371 -15.59 -31.40 -6.83
C ASN B 371 -16.54 -30.75 -7.83
N VAL B 372 -16.92 -29.48 -7.59
CA VAL B 372 -17.85 -28.71 -8.46
C VAL B 372 -17.05 -28.06 -9.59
N LYS B 373 -17.41 -28.37 -10.84
CA LYS B 373 -16.78 -27.75 -12.03
C LYS B 373 -17.62 -26.52 -12.36
N LEU B 374 -17.20 -25.35 -11.88
CA LEU B 374 -18.02 -24.10 -11.87
C LEU B 374 -18.11 -23.56 -13.30
N THR B 375 -19.32 -23.16 -13.72
CA THR B 375 -19.58 -22.54 -15.04
C THR B 375 -20.70 -21.53 -14.86
N ASN B 376 -20.94 -20.73 -15.90
CA ASN B 376 -22.00 -19.69 -15.94
C ASN B 376 -23.38 -20.35 -15.75
N LYS B 377 -23.51 -21.64 -16.08
CA LYS B 377 -24.79 -22.40 -15.96
C LYS B 377 -24.86 -23.18 -14.64
N LYS B 378 -23.78 -23.20 -13.85
CA LYS B 378 -23.70 -23.99 -12.59
C LYS B 378 -23.30 -23.10 -11.42
N PRO B 379 -24.06 -22.02 -11.10
CA PRO B 379 -23.74 -21.18 -9.96
C PRO B 379 -24.06 -21.94 -8.67
N ILE B 380 -23.39 -21.59 -7.58
CA ILE B 380 -23.76 -22.05 -6.22
C ILE B 380 -24.55 -20.92 -5.56
N LYS B 381 -25.74 -21.25 -5.04
CA LYS B 381 -26.61 -20.23 -4.41
C LYS B 381 -27.15 -20.81 -3.10
N THR B 382 -26.95 -20.13 -1.98
CA THR B 382 -27.58 -20.54 -0.69
C THR B 382 -29.07 -20.22 -0.79
N ASN B 383 -29.87 -21.02 -0.10
CA ASN B 383 -31.34 -20.83 0.00
C ASN B 383 -31.70 -21.11 1.46
N PHE B 384 -31.16 -20.29 2.36
CA PHE B 384 -31.42 -20.37 3.82
C PHE B 384 -32.78 -19.72 4.11
N LYS B 385 -33.49 -20.20 5.14
CA LYS B 385 -34.92 -19.84 5.38
C LYS B 385 -35.01 -18.39 5.83
N GLY B 386 -34.13 -17.96 6.74
CA GLY B 386 -34.00 -16.54 7.15
C GLY B 386 -32.53 -16.12 7.15
N SER B 387 -32.16 -15.06 7.88
CA SER B 387 -30.74 -14.66 8.03
C SER B 387 -30.46 -14.07 9.40
N THR B 388 -29.36 -14.52 10.00
CA THR B 388 -28.70 -13.90 11.18
C THR B 388 -27.82 -12.71 10.76
N GLY B 389 -27.41 -12.63 9.48
CA GLY B 389 -26.41 -11.64 9.03
C GLY B 389 -24.99 -12.09 9.33
N LEU B 390 -24.83 -13.28 9.90
CA LEU B 390 -23.52 -13.90 10.22
C LEU B 390 -23.36 -15.19 9.42
N PHE B 391 -22.37 -15.22 8.52
CA PHE B 391 -22.09 -16.36 7.63
C PHE B 391 -20.60 -16.59 7.57
N ASP B 392 -20.20 -17.82 7.26
CA ASP B 392 -18.81 -18.09 6.82
C ASP B 392 -18.85 -18.97 5.58
N PHE B 393 -17.74 -18.95 4.84
CA PHE B 393 -17.53 -19.74 3.62
C PHE B 393 -16.11 -20.23 3.65
N ASN B 394 -15.97 -21.52 3.34
CA ASN B 394 -14.71 -22.26 3.40
C ASN B 394 -14.57 -22.98 2.05
N ILE B 395 -13.62 -22.55 1.23
CA ILE B 395 -13.48 -23.07 -0.16
C ILE B 395 -12.03 -23.48 -0.39
N THR B 396 -11.83 -24.70 -0.91
CA THR B 396 -10.58 -25.14 -1.57
C THR B 396 -10.90 -25.27 -3.06
N PHE B 397 -10.09 -24.68 -3.93
CA PHE B 397 -10.35 -24.73 -5.38
C PHE B 397 -9.04 -24.95 -6.15
N LYS B 398 -9.20 -25.48 -7.35
CA LYS B 398 -8.09 -25.77 -8.29
C LYS B 398 -8.35 -24.96 -9.56
N VAL B 399 -7.28 -24.43 -10.12
CA VAL B 399 -7.32 -23.73 -11.43
C VAL B 399 -6.99 -24.77 -12.51
N LEU B 400 -7.96 -25.03 -13.38
CA LEU B 400 -7.85 -26.05 -14.46
C LEU B 400 -7.09 -25.42 -15.63
N ASN B 401 -6.55 -26.25 -16.53
CA ASN B 401 -5.91 -25.80 -17.79
C ASN B 401 -7.02 -25.57 -18.80
N LEU B 402 -7.56 -24.36 -18.85
CA LEU B 402 -8.57 -23.91 -19.82
C LEU B 402 -8.20 -22.49 -20.22
N ASN B 403 -8.08 -22.24 -21.52
CA ASN B 403 -7.87 -20.90 -22.11
C ASN B 403 -9.24 -20.25 -22.28
N VAL B 404 -9.49 -19.15 -21.58
CA VAL B 404 -10.75 -18.37 -21.71
C VAL B 404 -10.36 -16.92 -22.02
N SER B 405 -11.32 -16.12 -22.47
CA SER B 405 -11.09 -14.68 -22.77
C SER B 405 -10.74 -13.93 -21.48
N PRO B 406 -9.93 -12.86 -21.58
CA PRO B 406 -9.39 -12.17 -20.39
C PRO B 406 -10.42 -11.66 -19.40
N GLY B 407 -11.64 -11.36 -19.86
CA GLY B 407 -12.75 -10.91 -19.00
C GLY B 407 -13.31 -12.02 -18.11
N LYS B 408 -12.90 -13.28 -18.33
CA LYS B 408 -13.59 -14.45 -17.74
C LYS B 408 -12.62 -15.27 -16.86
N THR B 409 -11.40 -14.79 -16.62
CA THR B 409 -10.39 -15.57 -15.86
C THR B 409 -10.63 -15.42 -14.36
N HIS B 410 -11.89 -15.47 -13.90
CA HIS B 410 -12.20 -15.22 -12.47
C HIS B 410 -13.51 -15.87 -12.06
N PHE B 411 -13.67 -16.05 -10.76
CA PHE B 411 -14.96 -16.39 -10.13
C PHE B 411 -15.18 -15.46 -8.93
N ASP B 412 -16.44 -15.29 -8.54
CA ASP B 412 -16.84 -14.25 -7.56
C ASP B 412 -17.78 -14.89 -6.52
N ILE B 413 -17.53 -14.57 -5.25
CA ILE B 413 -18.44 -14.83 -4.12
C ILE B 413 -19.21 -13.54 -3.90
N LEU B 414 -20.53 -13.58 -4.12
CA LEU B 414 -21.44 -12.42 -3.94
C LEU B 414 -22.13 -12.58 -2.59
N ILE B 415 -22.01 -11.55 -1.75
CA ILE B 415 -22.72 -11.49 -0.45
C ILE B 415 -23.83 -10.47 -0.60
N ASN B 416 -25.08 -10.96 -0.67
CA ASN B 416 -26.26 -10.14 -1.02
C ASN B 416 -27.08 -9.88 0.24
N SER B 417 -27.56 -8.65 0.38
CA SER B 417 -28.61 -8.28 1.35
C SER B 417 -29.92 -8.93 0.92
N GLN B 418 -30.93 -8.85 1.78
CA GLN B 418 -32.34 -9.09 1.39
C GLN B 418 -32.71 -8.00 0.38
N GLU B 419 -33.69 -8.28 -0.46
CA GLU B 419 -34.34 -7.23 -1.26
C GLU B 419 -35.20 -6.40 -0.31
N LEU B 420 -34.96 -5.09 -0.29
CA LEU B 420 -35.65 -4.14 0.60
C LEU B 420 -35.99 -2.93 -0.25
N ASN B 421 -37.28 -2.61 -0.34
CA ASN B 421 -37.80 -1.56 -1.25
C ASN B 421 -37.15 -1.74 -2.63
N SER B 422 -37.23 -2.97 -3.16
CA SER B 422 -36.95 -3.37 -4.56
C SER B 422 -35.45 -3.28 -4.91
N SER B 423 -34.54 -3.26 -3.93
CA SER B 423 -33.07 -3.25 -4.20
C SER B 423 -32.31 -4.19 -3.25
N VAL B 424 -31.22 -4.74 -3.76
CA VAL B 424 -30.29 -5.66 -3.06
C VAL B 424 -28.91 -4.99 -3.06
N ASP B 425 -28.30 -4.84 -1.89
CA ASP B 425 -26.89 -4.35 -1.74
C ASP B 425 -26.00 -5.57 -1.71
N SER B 426 -24.79 -5.49 -2.27
CA SER B 426 -23.88 -6.66 -2.30
C SER B 426 -22.44 -6.19 -2.13
N ILE B 427 -21.61 -7.10 -1.62
CA ILE B 427 -20.14 -6.98 -1.71
C ILE B 427 -19.65 -8.25 -2.40
N LYS B 428 -18.46 -8.18 -2.98
CA LYS B 428 -17.93 -9.23 -3.86
C LYS B 428 -16.53 -9.58 -3.36
N ILE B 429 -16.25 -10.86 -3.28
CA ILE B 429 -14.89 -11.45 -3.06
C ILE B 429 -14.61 -12.37 -4.23
N GLY B 430 -13.50 -12.16 -4.92
CA GLY B 430 -13.20 -12.94 -6.13
C GLY B 430 -11.76 -13.39 -6.17
N PHE B 431 -11.48 -14.20 -7.17
CA PHE B 431 -10.12 -14.65 -7.51
C PHE B 431 -9.96 -14.63 -9.02
N ASP B 432 -8.83 -14.09 -9.47
CA ASP B 432 -8.46 -14.05 -10.90
C ASP B 432 -7.24 -14.96 -11.09
N SER B 433 -7.39 -15.97 -11.93
CA SER B 433 -6.35 -17.01 -12.17
C SER B 433 -5.19 -16.43 -12.98
N SER B 434 -5.45 -15.46 -13.86
CA SER B 434 -4.38 -14.80 -14.67
C SER B 434 -3.46 -14.01 -13.74
N GLN B 435 -3.99 -13.45 -12.64
CA GLN B 435 -3.21 -12.59 -11.70
C GLN B 435 -2.83 -13.36 -10.43
N SER B 436 -3.34 -14.57 -10.24
CA SER B 436 -3.12 -15.37 -9.01
C SER B 436 -3.41 -14.48 -7.78
N SER B 437 -4.51 -13.72 -7.84
CA SER B 437 -4.84 -12.69 -6.82
C SER B 437 -6.31 -12.79 -6.46
N PHE B 438 -6.58 -12.71 -5.16
CA PHE B 438 -7.93 -12.46 -4.63
C PHE B 438 -8.18 -10.96 -4.68
N TYR B 439 -9.46 -10.60 -4.69
CA TYR B 439 -9.88 -9.20 -4.58
C TYR B 439 -11.17 -9.13 -3.79
N ILE B 440 -11.41 -7.98 -3.20
CA ILE B 440 -12.71 -7.60 -2.60
C ILE B 440 -13.16 -6.30 -3.26
N ASP B 441 -14.45 -6.16 -3.42
CA ASP B 441 -15.09 -4.91 -3.86
C ASP B 441 -16.19 -4.65 -2.84
N ARG B 442 -15.98 -3.67 -1.96
CA ARG B 442 -16.96 -3.32 -0.88
C ARG B 442 -17.70 -2.06 -1.31
N HIS B 443 -17.66 -1.69 -2.59
CA HIS B 443 -18.33 -0.50 -3.14
C HIS B 443 -19.84 -0.70 -2.99
N ILE B 444 -20.47 0.15 -2.18
CA ILE B 444 -21.95 0.14 -2.04
C ILE B 444 -22.38 1.53 -2.43
N PRO B 445 -22.86 1.66 -3.68
CA PRO B 445 -23.26 2.96 -4.18
C PRO B 445 -24.55 3.29 -3.41
N ASN B 446 -24.74 4.57 -3.15
CA ASN B 446 -25.97 5.10 -2.53
C ASN B 446 -25.76 5.24 -1.02
N VAL B 447 -24.76 4.57 -0.43
CA VAL B 447 -24.45 4.78 1.01
C VAL B 447 -23.33 5.82 1.07
N GLU B 448 -23.64 6.98 1.61
CA GLU B 448 -22.73 8.15 1.65
C GLU B 448 -22.46 8.46 3.12
N PHE B 449 -21.23 8.81 3.44
CA PHE B 449 -20.87 9.38 4.75
C PHE B 449 -19.64 10.23 4.55
N PRO B 450 -19.37 11.16 5.49
CA PRO B 450 -18.17 11.98 5.43
C PRO B 450 -16.89 11.13 5.29
N ARG B 451 -15.94 11.62 4.47
CA ARG B 451 -14.60 11.04 4.24
C ARG B 451 -14.70 9.67 3.53
N LYS B 452 -15.81 9.38 2.87
CA LYS B 452 -15.92 8.17 2.02
C LYS B 452 -14.93 8.21 0.83
N GLN B 453 -14.39 9.38 0.47
CA GLN B 453 -13.32 9.52 -0.55
C GLN B 453 -12.09 8.67 -0.16
N PHE B 454 -11.93 8.38 1.14
CA PHE B 454 -10.77 7.63 1.67
C PHE B 454 -11.13 6.16 1.85
N PHE B 455 -12.41 5.82 1.68
CA PHE B 455 -12.96 4.46 1.94
C PHE B 455 -12.69 3.59 0.71
N THR B 456 -11.44 3.16 0.60
CA THR B 456 -10.95 2.37 -0.56
C THR B 456 -11.89 1.17 -0.74
N ASP B 457 -12.42 0.98 -1.94
CA ASP B 457 -13.46 -0.05 -2.22
C ASP B 457 -12.83 -1.34 -2.74
N LYS B 458 -11.75 -1.25 -3.52
CA LYS B 458 -11.16 -2.42 -4.23
C LYS B 458 -9.80 -2.72 -3.61
N LEU B 459 -9.67 -3.91 -3.03
CA LEU B 459 -8.40 -4.37 -2.43
C LEU B 459 -8.05 -5.73 -3.03
N ALA B 460 -6.75 -5.99 -3.15
CA ALA B 460 -6.24 -7.20 -3.81
C ALA B 460 -5.23 -7.90 -2.90
N ALA B 461 -5.06 -9.21 -3.10
CA ALA B 461 -4.00 -9.97 -2.42
C ALA B 461 -3.44 -11.00 -3.40
N TYR B 462 -2.17 -10.82 -3.77
CA TYR B 462 -1.40 -11.82 -4.55
C TYR B 462 -1.00 -12.99 -3.64
N LEU B 463 -1.26 -14.22 -4.09
CA LEU B 463 -0.74 -15.44 -3.40
C LEU B 463 -0.21 -16.46 -4.41
N GLU B 464 0.88 -17.11 -4.01
CA GLU B 464 1.31 -18.37 -4.62
C GLU B 464 0.28 -19.44 -4.27
N PRO B 465 0.19 -20.52 -5.08
CA PRO B 465 -0.69 -21.63 -4.74
C PRO B 465 -0.39 -22.17 -3.34
N LEU B 466 -1.45 -22.61 -2.66
CA LEU B 466 -1.36 -23.37 -1.39
C LEU B 466 -0.62 -24.68 -1.66
N ASP B 467 -0.93 -25.30 -2.80
CA ASP B 467 -0.38 -26.62 -3.18
C ASP B 467 -0.52 -26.80 -4.70
N TYR B 468 0.06 -27.88 -5.23
CA TYR B 468 -0.15 -28.30 -6.63
C TYR B 468 -0.74 -29.72 -6.62
N ASP B 469 -1.77 -29.94 -7.41
CA ASP B 469 -2.31 -31.31 -7.67
C ASP B 469 -1.83 -31.68 -9.08
N GLN B 470 -0.71 -32.42 -9.14
CA GLN B 470 0.09 -32.59 -10.37
C GLN B 470 0.54 -31.20 -10.82
N ASP B 471 0.05 -30.70 -11.96
CA ASP B 471 0.38 -29.36 -12.53
C ASP B 471 -0.69 -28.32 -12.14
N LEU B 472 -1.79 -28.71 -11.49
CA LEU B 472 -2.93 -27.79 -11.21
C LEU B 472 -2.70 -27.01 -9.91
N ARG B 473 -2.87 -25.69 -9.97
CA ARG B 473 -2.68 -24.81 -8.80
C ARG B 473 -3.88 -24.97 -7.85
N VAL B 474 -3.59 -25.19 -6.56
CA VAL B 474 -4.63 -25.26 -5.50
C VAL B 474 -4.53 -24.02 -4.60
N PHE B 475 -5.67 -23.42 -4.28
CA PHE B 475 -5.79 -22.31 -3.30
C PHE B 475 -6.90 -22.63 -2.31
N SER B 476 -6.91 -21.96 -1.17
CA SER B 476 -8.01 -22.01 -0.19
C SER B 476 -8.37 -20.59 0.27
N LEU B 477 -9.61 -20.44 0.69
CA LEU B 477 -10.15 -19.16 1.19
C LEU B 477 -11.10 -19.53 2.34
N TYR B 478 -10.93 -18.89 3.49
CA TYR B 478 -11.94 -18.84 4.57
C TYR B 478 -12.35 -17.38 4.76
N GLY B 479 -13.65 -17.13 4.68
CA GLY B 479 -14.24 -15.81 4.93
C GLY B 479 -15.35 -15.88 5.97
N ILE B 480 -15.45 -14.86 6.80
CA ILE B 480 -16.58 -14.74 7.77
C ILE B 480 -17.10 -13.30 7.68
N VAL B 481 -18.41 -13.19 7.52
CA VAL B 481 -19.12 -11.91 7.38
C VAL B 481 -20.02 -11.80 8.61
N ASP B 482 -19.92 -10.69 9.31
CA ASP B 482 -20.65 -10.46 10.57
C ASP B 482 -21.30 -9.08 10.52
N LYS B 483 -22.36 -8.96 9.72
CA LYS B 483 -23.26 -7.78 9.62
C LYS B 483 -22.58 -6.54 9.01
N ASN B 484 -21.43 -6.08 9.49
CA ASN B 484 -20.77 -4.90 8.87
C ASN B 484 -19.26 -5.13 8.70
N ILE B 485 -18.80 -6.36 8.88
CA ILE B 485 -17.33 -6.63 8.82
C ILE B 485 -17.12 -7.98 8.15
N ILE B 486 -16.14 -8.02 7.24
CA ILE B 486 -15.76 -9.30 6.58
C ILE B 486 -14.26 -9.49 6.80
N GLU B 487 -13.91 -10.69 7.23
CA GLU B 487 -12.52 -11.11 7.50
C GLU B 487 -12.21 -12.27 6.54
N LEU B 488 -11.16 -12.10 5.74
CA LEU B 488 -10.75 -13.08 4.72
C LEU B 488 -9.37 -13.63 5.12
N TYR B 489 -9.23 -14.94 5.01
CA TYR B 489 -8.00 -15.69 5.33
C TYR B 489 -7.66 -16.54 4.11
N PHE B 490 -6.58 -16.19 3.42
CA PHE B 490 -6.18 -16.83 2.15
C PHE B 490 -5.12 -17.89 2.43
N ASN B 491 -5.31 -19.07 1.83
CA ASN B 491 -4.31 -20.18 1.89
C ASN B 491 -4.00 -20.51 3.34
N ASP B 492 -5.04 -20.85 4.12
CA ASP B 492 -4.89 -21.32 5.52
C ASP B 492 -4.15 -20.25 6.35
N GLY B 493 -4.52 -18.98 6.17
CA GLY B 493 -4.06 -17.87 7.03
C GLY B 493 -2.73 -17.29 6.59
N THR B 494 -2.28 -17.58 5.36
CA THR B 494 -1.04 -17.03 4.78
C THR B 494 -1.17 -15.51 4.70
N VAL B 495 -2.33 -15.03 4.28
CA VAL B 495 -2.62 -13.58 4.17
C VAL B 495 -4.00 -13.38 4.79
N ALA B 496 -4.16 -12.32 5.60
CA ALA B 496 -5.46 -11.93 6.21
C ALA B 496 -5.83 -10.54 5.72
N MET B 497 -7.13 -10.31 5.51
CA MET B 497 -7.64 -9.01 5.03
C MET B 497 -8.96 -8.73 5.76
N THR B 498 -8.99 -7.62 6.51
CA THR B 498 -10.15 -7.21 7.33
C THR B 498 -10.73 -5.92 6.75
N ASN B 499 -12.03 -5.91 6.48
CA ASN B 499 -12.71 -4.72 5.93
C ASN B 499 -14.11 -4.61 6.50
N THR B 500 -14.49 -3.39 6.91
CA THR B 500 -15.89 -3.07 7.22
C THR B 500 -16.61 -2.79 5.91
N PHE B 501 -17.93 -2.85 5.94
CA PHE B 501 -18.80 -2.46 4.79
C PHE B 501 -20.13 -2.00 5.36
N PHE B 502 -20.78 -1.07 4.67
CA PHE B 502 -22.00 -0.37 5.14
C PHE B 502 -23.07 -0.43 4.05
N MET B 503 -23.95 -1.42 4.18
CA MET B 503 -25.14 -1.56 3.31
C MET B 503 -26.14 -0.49 3.70
N GLY B 504 -27.10 -0.21 2.81
CA GLY B 504 -28.15 0.78 3.04
C GLY B 504 -28.95 0.48 4.29
N GLU B 505 -29.65 1.47 4.82
CA GLU B 505 -30.51 1.37 6.02
C GLU B 505 -31.40 0.13 5.93
N GLY B 506 -31.35 -0.73 6.96
CA GLY B 506 -32.18 -1.94 7.10
C GLY B 506 -31.61 -3.17 6.43
N LYS B 507 -30.59 -3.03 5.56
CA LYS B 507 -30.07 -4.16 4.74
C LYS B 507 -28.93 -4.84 5.48
N TYR B 508 -28.88 -6.17 5.43
CA TYR B 508 -27.74 -6.96 5.94
C TYR B 508 -27.62 -8.26 5.16
N PRO B 509 -26.45 -8.93 5.20
CA PRO B 509 -26.22 -10.16 4.44
C PRO B 509 -27.33 -11.20 4.68
N HIS B 510 -27.86 -11.78 3.59
CA HIS B 510 -28.93 -12.82 3.61
C HIS B 510 -28.56 -14.06 2.80
N ASP B 511 -27.86 -13.89 1.68
CA ASP B 511 -27.62 -15.02 0.74
C ASP B 511 -26.21 -14.88 0.17
N ILE B 512 -25.56 -16.02 -0.09
CA ILE B 512 -24.24 -16.06 -0.75
C ILE B 512 -24.38 -16.81 -2.07
N GLN B 513 -23.78 -16.28 -3.14
CA GLN B 513 -23.67 -16.94 -4.45
C GLN B 513 -22.20 -17.07 -4.82
N ILE B 514 -21.85 -18.13 -5.52
CA ILE B 514 -20.52 -18.30 -6.17
C ILE B 514 -20.79 -18.44 -7.65
N VAL B 515 -20.28 -17.52 -8.46
CA VAL B 515 -20.58 -17.44 -9.92
C VAL B 515 -19.29 -17.27 -10.72
N THR B 516 -19.36 -17.59 -12.01
CA THR B 516 -18.32 -17.32 -13.02
C THR B 516 -19.04 -17.06 -14.34
N ASP B 517 -18.36 -16.43 -15.28
CA ASP B 517 -18.90 -16.21 -16.65
C ASP B 517 -18.33 -17.25 -17.63
N THR B 518 -17.41 -18.12 -17.22
CA THR B 518 -16.80 -19.13 -18.12
C THR B 518 -17.87 -20.16 -18.52
N GLU B 519 -17.91 -20.51 -19.80
CA GLU B 519 -18.88 -21.50 -20.36
C GLU B 519 -18.41 -22.91 -19.98
N GLU B 520 -17.10 -23.17 -20.06
CA GLU B 520 -16.46 -24.43 -19.62
C GLU B 520 -15.77 -24.15 -18.28
N PRO B 521 -15.43 -25.20 -17.50
CA PRO B 521 -14.86 -25.01 -16.16
C PRO B 521 -13.39 -24.58 -16.16
N LEU B 522 -13.12 -23.40 -15.60
CA LEU B 522 -11.75 -22.91 -15.32
C LEU B 522 -11.40 -23.22 -13.86
N PHE B 523 -12.39 -23.28 -12.99
CA PHE B 523 -12.20 -23.52 -11.54
C PHE B 523 -12.98 -24.77 -11.14
N GLU B 524 -12.30 -25.67 -10.45
CA GLU B 524 -12.96 -26.77 -9.68
C GLU B 524 -12.97 -26.36 -8.20
N LEU B 525 -14.17 -26.25 -7.61
CA LEU B 525 -14.32 -26.07 -6.16
C LEU B 525 -14.26 -27.46 -5.51
N GLU B 526 -13.08 -27.85 -5.06
CA GLU B 526 -12.79 -29.17 -4.45
C GLU B 526 -13.73 -29.38 -3.27
N SER B 527 -13.88 -28.33 -2.45
CA SER B 527 -14.75 -28.32 -1.26
C SER B 527 -15.32 -26.92 -1.06
N VAL B 528 -16.64 -26.85 -0.87
CA VAL B 528 -17.37 -25.60 -0.58
C VAL B 528 -18.26 -25.88 0.62
N ILE B 529 -18.05 -25.16 1.72
CA ILE B 529 -18.96 -25.18 2.90
C ILE B 529 -19.33 -23.74 3.22
N ILE B 530 -20.61 -23.41 3.09
CA ILE B 530 -21.17 -22.08 3.44
C ILE B 530 -22.14 -22.31 4.59
N ARG B 531 -21.93 -21.59 5.71
CA ARG B 531 -22.76 -21.76 6.93
C ARG B 531 -23.40 -20.44 7.33
N GLU B 532 -24.66 -20.52 7.76
CA GLU B 532 -25.36 -19.45 8.51
C GLU B 532 -25.10 -19.75 9.98
N LEU B 533 -24.56 -18.78 10.71
CA LEU B 533 -24.13 -18.96 12.10
C LEU B 533 -24.95 -18.06 13.01
N ASN B 534 -24.94 -18.37 14.29
CA ASN B 534 -25.57 -17.54 15.33
C ASN B 534 -24.72 -17.66 16.58
N LYS B 535 -24.85 -16.71 17.50
CA LYS B 535 -24.26 -16.79 18.85
C LYS B 535 -25.20 -17.67 19.70
C1 NAG C . 16.74 19.51 -13.27
C2 NAG C . 16.94 20.41 -14.49
C3 NAG C . 18.32 21.05 -14.43
C4 NAG C . 18.54 21.76 -13.11
C5 NAG C . 18.06 20.93 -11.93
C6 NAG C . 17.98 21.81 -10.69
C7 NAG C . 15.75 19.81 -16.52
C8 NAG C . 15.77 19.09 -17.82
N2 NAG C . 16.84 19.70 -15.75
O3 NAG C . 18.40 22.02 -15.48
O4 NAG C . 19.95 22.00 -12.91
O5 NAG C . 16.76 20.37 -12.14
O6 NAG C . 17.88 20.97 -9.54
O7 NAG C . 14.81 20.47 -16.17
C1 NAG C . 20.34 23.31 -13.33
C2 NAG C . 21.67 23.61 -12.66
C3 NAG C . 22.29 24.92 -13.14
C4 NAG C . 22.45 24.88 -14.66
C5 NAG C . 21.09 24.56 -15.29
C6 NAG C . 21.22 24.29 -16.77
C7 NAG C . 21.95 22.59 -10.47
C8 NAG C . 21.75 22.76 -9.00
N2 NAG C . 21.47 23.58 -11.22
O3 NAG C . 23.57 25.06 -12.51
O4 NAG C . 22.97 26.12 -15.19
O5 NAG C . 20.49 23.37 -14.74
O6 NAG C . 19.88 24.36 -17.32
O7 NAG C . 22.53 21.61 -10.92
C1 BMA C . 24.33 26.04 -15.70
C2 BMA C . 24.58 27.24 -16.62
C3 BMA C . 26.03 27.71 -16.73
C4 BMA C . 26.73 27.65 -15.38
C5 BMA C . 26.63 26.22 -14.88
C6 BMA C . 27.44 26.00 -13.61
O2 BMA C . 23.75 28.32 -16.16
O3 BMA C . 26.05 29.05 -17.29
O4 BMA C . 28.11 28.04 -15.44
O5 BMA C . 25.25 25.95 -14.60
O6 BMA C . 26.97 26.85 -12.56
C1 NAG D . -3.74 -21.74 18.84
C2 NAG D . -4.65 -22.58 19.73
C3 NAG D . -3.83 -23.52 20.62
C4 NAG D . -2.88 -24.37 19.79
C5 NAG D . -2.12 -23.52 18.77
C6 NAG D . -1.59 -24.47 17.70
C7 NAG D . -6.77 -21.49 20.14
C8 NAG D . -7.65 -20.81 21.12
N2 NAG D . -5.53 -21.76 20.55
O3 NAG D . -4.75 -24.37 21.29
O4 NAG D . -1.88 -24.98 20.64
O5 NAG D . -2.95 -22.59 18.05
O6 NAG D . -0.81 -23.77 16.75
O7 NAG D . -7.17 -21.83 19.02
C1 NAG D . -2.27 -26.30 21.09
C2 NAG D . -1.01 -26.98 21.56
C3 NAG D . -1.28 -28.32 22.23
C4 NAG D . -2.29 -28.15 23.35
C5 NAG D . -3.55 -27.53 22.78
C6 NAG D . -4.53 -27.29 23.91
C7 NAG D . 0.95 -26.45 20.16
C8 NAG D . 1.64 -26.78 18.87
N2 NAG D . -0.18 -27.12 20.37
O3 NAG D . -0.08 -28.85 22.81
O4 NAG D . -2.55 -29.40 24.02
O5 NAG D . -3.24 -26.27 22.14
O6 NAG D . -5.66 -26.58 23.41
O7 NAG D . 1.38 -25.65 20.96
C1 NAG E . 25.21 -13.27 -3.83
C2 NAG E . 26.20 -14.13 -3.03
C3 NAG E . 26.53 -15.46 -3.71
C4 NAG E . 25.30 -16.09 -4.35
C5 NAG E . 24.56 -15.06 -5.21
C6 NAG E . 23.37 -15.65 -5.96
C7 NAG E . 27.67 -12.60 -1.87
C8 NAG E . 28.95 -11.79 -1.97
N2 NAG E . 27.42 -13.37 -2.92
O3 NAG E . 26.99 -16.37 -2.71
O4 NAG E . 25.73 -17.18 -5.15
O5 NAG E . 24.12 -14.04 -4.32
O6 NAG E . 22.46 -16.15 -4.99
O7 NAG E . 26.90 -12.54 -0.92
C1 NAG F . 36.40 2.81 -37.79
C2 NAG F . 37.18 2.03 -38.87
C3 NAG F . 36.39 2.06 -40.16
C4 NAG F . 34.91 1.81 -39.87
C5 NAG F . 34.35 2.72 -38.78
C6 NAG F . 32.85 2.58 -38.50
C7 NAG F . 39.64 1.91 -38.76
C8 NAG F . 40.94 2.65 -38.84
N2 NAG F . 38.53 2.60 -39.01
O3 NAG F . 36.94 1.07 -41.04
O4 NAG F . 34.17 2.08 -41.04
O5 NAG F . 35.07 2.38 -37.61
O6 NAG F . 32.53 1.20 -38.47
O7 NAG F . 39.59 0.72 -38.45
C1 NAG G . 6.48 -9.18 -35.37
C2 NAG G . 6.30 -10.07 -36.61
C3 NAG G . 7.43 -9.94 -37.65
C4 NAG G . 7.89 -8.50 -37.84
C5 NAG G . 8.14 -7.89 -36.47
C6 NAG G . 8.77 -6.53 -36.60
C7 NAG G . 5.05 -12.05 -35.87
C8 NAG G . 5.17 -13.33 -35.08
N2 NAG G . 6.22 -11.43 -36.10
O3 NAG G . 6.98 -10.43 -38.89
O4 NAG G . 9.08 -8.47 -38.66
O5 NAG G . 6.89 -7.86 -35.75
O6 NAG G . 7.86 -5.66 -37.27
O7 NAG G . 3.96 -11.59 -36.21
C1 NAG H . 3.76 25.88 -10.25
C2 NAG H . 4.90 25.79 -11.25
C3 NAG H . 6.22 26.25 -10.65
C4 NAG H . 6.04 27.62 -9.98
C5 NAG H . 4.96 27.39 -8.94
C6 NAG H . 4.77 28.56 -8.01
C7 NAG H . 4.85 24.04 -12.95
C8 NAG H . 5.01 22.56 -13.20
N2 NAG H . 5.00 24.43 -11.68
O3 NAG H . 7.17 26.30 -11.70
O4 NAG H . 7.27 28.14 -9.41
O5 NAG H . 3.74 27.16 -9.64
O6 NAG H . 4.36 29.65 -8.83
O7 NAG H . 4.60 24.80 -13.87
C01 KTE I . 8.78 -10.77 -16.56
O01 KTE I . 6.38 -10.87 -16.03
C02 KTE I . 7.68 -10.55 -15.49
O02 KTE I . 8.37 -11.39 -17.52
C03 KTE I . 7.72 -9.09 -14.96
O03 KTE I . 6.77 -8.79 -13.88
C04 KTE I . 7.68 -8.02 -16.07
O04 KTE I . 9.09 -7.93 -16.45
C05 KTE I . 10.01 -7.84 -20.15
O05 KTE I . 9.44 -6.45 -18.19
C06 KTE I . 9.67 -6.65 -16.79
C07 KTE I . 11.20 -6.71 -16.76
O07 KTE I . 11.73 -7.32 -15.57
C08 KTE I . 11.53 -7.41 -18.10
O08 KTE I . 12.88 -7.17 -18.53
C09 KTE I . 10.48 -6.85 -19.08
C10 KTE I . 9.28 -5.50 -15.84
O06 KTE I . 9.25 -7.10 -21.08
O09 KTE I . 7.90 -5.30 -15.92
C1 EDO J . -5.65 -1.65 -3.66
O1 EDO J . -6.52 -2.22 -4.63
C2 EDO J . -4.66 -2.62 -3.12
O2 EDO J . -5.22 -3.65 -2.32
ZN ZN K . -19.75 3.20 -8.65
C1 NAG L . 17.13 5.86 22.14
C2 NAG L . 18.58 6.28 22.44
C3 NAG L . 18.59 7.48 23.38
C4 NAG L . 17.65 8.54 22.86
C5 NAG L . 16.24 7.99 22.67
C6 NAG L . 15.27 9.06 22.20
C7 NAG L . 19.92 4.26 22.52
C8 NAG L . 20.52 3.25 23.47
N2 NAG L . 19.22 5.19 23.14
O3 NAG L . 19.90 8.04 23.45
O4 NAG L . 17.68 9.53 23.84
O5 NAG L . 16.32 6.94 21.72
O6 NAG L . 15.67 9.59 20.94
O7 NAG L . 20.07 4.25 21.29
C1 NAG M . -18.32 11.37 30.18
C2 NAG M . -19.09 12.44 31.00
C3 NAG M . -19.25 12.13 32.50
C4 NAG M . -19.38 10.65 32.86
C5 NAG M . -18.49 9.79 31.97
C6 NAG M . -18.65 8.29 32.28
C7 NAG M . -18.67 14.60 29.90
C8 NAG M . -17.77 15.79 29.87
N2 NAG M . -18.38 13.71 30.84
O3 NAG M . -20.43 12.79 32.96
O4 NAG M . -19.01 10.45 34.24
O5 NAG M . -18.79 10.08 30.61
O6 NAG M . -19.95 7.82 31.94
O7 NAG M . -19.61 14.45 29.12
C1 NAG N . -11.95 -24.80 6.60
C2 NAG N . -12.00 -24.89 8.13
C3 NAG N . -10.88 -25.77 8.68
C4 NAG N . -10.94 -27.16 8.06
C5 NAG N . -10.80 -26.96 6.56
C6 NAG N . -10.81 -28.28 5.79
C7 NAG N . -12.76 -23.02 9.55
C8 NAG N . -12.29 -21.74 10.17
N2 NAG N . -11.85 -23.59 8.75
O3 NAG N . -11.00 -25.82 10.11
O4 NAG N . -9.93 -28.03 8.63
O5 NAG N . -11.85 -26.11 6.04
O6 NAG N . -10.34 -28.02 4.46
O7 NAG N . -13.88 -23.48 9.78
C1 NAG O . -4.21 -7.92 51.89
C2 NAG O . -4.53 -8.26 53.36
C3 NAG O . -6.02 -8.10 53.65
C4 NAG O . -6.62 -6.82 53.07
C5 NAG O . -6.05 -6.45 51.70
C6 NAG O . -6.34 -4.99 51.39
C7 NAG O . -2.97 -9.99 54.25
C8 NAG O . -2.76 -11.48 54.34
N2 NAG O . -4.13 -9.63 53.68
O3 NAG O . -6.21 -8.11 55.07
O4 NAG O . -8.03 -7.01 52.92
O5 NAG O . -4.63 -6.61 51.60
O6 NAG O . -6.00 -4.76 50.01
O7 NAG O . -2.13 -9.20 54.64
C01 KTE P . -3.80 9.99 18.63
O01 KTE P . -2.72 10.61 16.47
C02 KTE P . -2.85 9.55 17.46
O02 KTE P . -3.10 10.34 19.58
C03 KTE P . -3.16 8.16 16.78
O03 KTE P . -3.24 8.16 15.35
C04 KTE P . -4.28 7.34 17.49
O04 KTE P . -3.62 6.97 18.76
C05 KTE P . -5.66 7.06 22.10
O05 KTE P . -5.04 5.72 20.13
C06 KTE P . -3.85 5.65 19.33
C07 KTE P . -2.80 5.32 20.39
O07 KTE P . -1.48 5.59 19.95
C08 KTE P . -3.32 6.02 21.65
O08 KTE P . -2.86 5.40 22.85
C09 KTE P . -4.85 5.87 21.54
C10 KTE P . -3.76 4.47 18.36
O06 KTE P . -7.04 6.73 21.95
O09 KTE P . -4.78 4.63 17.40
C1 EDO Q . -5.78 3.46 -1.19
O1 EDO Q . -6.89 4.32 -1.14
C2 EDO Q . -4.49 4.14 -0.86
O2 EDO Q . -4.08 5.15 -1.78
#